data_5A80
#
_entry.id   5A80
#
_cell.length_a   101.810
_cell.length_b   149.190
_cell.length_c   57.240
_cell.angle_alpha   90.00
_cell.angle_beta   90.00
_cell.angle_gamma   90.00
#
_symmetry.space_group_name_H-M   'P 21 21 2'
#
loop_
_entity.id
_entity.type
_entity.pdbx_description
1 polymer 'LYSINE-SPECIFIC DEMETHYLASE 4A'
2 non-polymer 'SULFATE ION'
3 non-polymer 'MANGANESE (II) ION'
4 non-polymer '2-[5-[2-(3-methoxyphenyl)ethanoylamino]-2-oxidanyl-phenyl]pyridine-4-carboxylic acid'
5 non-polymer 'ZINC ION'
6 non-polymer 1,2-ETHANEDIOL
7 water water
#
_entity_poly.entity_id   1
_entity_poly.type   'polypeptide(L)'
_entity_poly.pdbx_seq_one_letter_code
;MHHHHHHSSGVDLGTENLYFQSMASESETLNPSARIMTFYPTMEEFRNFSRYIAYIESQGAHRAGLAKVVPPKEWKPRAS
YDDIDDLVIPAPIQQLVTGQSGLFTQYNIQKKAMTVREFRKIANSDKYCTPRYSEFEELERKYWKNLTFNPPIYGADVNG
TLYEKHVDEWNIGRLRTILDLVEKESGITIEGVNTPYLYFGMWKTSFAWHTEDMDLYSINYLHFGEPKSWYSVPPEHGKR
LERLAKGFFPGSAQSCEAFLRHKMTLISPLMLKKYGIPFDKVTQEAGEFMITFPYGYHAGFNHGFNCAESTNFATRRWIE
YGKQAVLCSCRKDMVKISMDVFVRKFQPERYKLWKAGKDNTVIDHTLPTPEAAEFLKESEL
;
_entity_poly.pdbx_strand_id   A,B
#
# COMPACT_ATOMS: atom_id res chain seq x y z
N GLU A 26 -14.27 17.92 6.76
CA GLU A 26 -15.64 17.92 6.26
C GLU A 26 -15.89 16.68 5.39
N SER A 27 -15.04 16.48 4.38
CA SER A 27 -15.17 15.32 3.50
C SER A 27 -14.20 14.21 3.89
N GLU A 28 -13.10 14.60 4.55
CA GLU A 28 -12.09 13.63 5.00
C GLU A 28 -12.57 12.83 6.19
N THR A 29 -13.74 13.20 6.71
CA THR A 29 -14.34 12.50 7.85
C THR A 29 -15.42 11.51 7.38
N LEU A 30 -15.85 11.65 6.12
CA LEU A 30 -16.80 10.72 5.51
C LEU A 30 -16.08 9.49 4.98
N ASN A 31 -16.48 8.30 5.44
CA ASN A 31 -15.88 7.02 5.05
C ASN A 31 -14.35 7.01 5.14
N PRO A 32 -13.82 7.23 6.35
CA PRO A 32 -12.37 7.43 6.54
C PRO A 32 -11.54 6.15 6.31
N SER A 33 -12.19 5.00 6.24
CA SER A 33 -11.49 3.73 5.99
C SER A 33 -11.49 3.41 4.49
N ALA A 34 -12.26 4.22 3.77
CA ALA A 34 -12.40 4.08 2.31
C ALA A 34 -12.78 2.64 2.01
N ARG A 35 -13.80 2.17 2.73
CA ARG A 35 -14.35 0.83 2.58
C ARG A 35 -15.51 0.84 1.58
N ILE A 36 -15.74 -0.28 0.90
CA ILE A 36 -16.85 -0.38 -0.06
C ILE A 36 -18.20 -0.37 0.64
N MET A 37 -19.06 0.58 0.28
CA MET A 37 -20.38 0.73 0.90
C MET A 37 -21.48 0.16 0.04
N THR A 38 -22.57 -0.23 0.69
CA THR A 38 -23.72 -0.82 0.01
C THR A 38 -24.94 0.03 0.30
N PHE A 39 -25.77 0.25 -0.72
CA PHE A 39 -26.94 1.11 -0.57
C PHE A 39 -28.20 0.40 -1.00
N TYR A 40 -29.28 0.67 -0.28
CA TYR A 40 -30.59 0.10 -0.55
C TYR A 40 -31.61 1.21 -0.69
N PRO A 41 -31.68 1.81 -1.88
CA PRO A 41 -32.60 2.93 -2.08
C PRO A 41 -34.04 2.44 -2.12
N THR A 42 -34.96 3.29 -1.70
CA THR A 42 -36.38 3.09 -1.96
C THR A 42 -36.67 3.37 -3.42
N MET A 43 -37.93 3.28 -3.80
CA MET A 43 -38.32 3.51 -5.18
C MET A 43 -38.30 4.99 -5.52
N GLU A 44 -38.58 5.85 -4.54
CA GLU A 44 -38.59 7.29 -4.79
C GLU A 44 -37.16 7.80 -4.96
N GLU A 45 -36.26 7.25 -4.16
CA GLU A 45 -34.84 7.57 -4.24
C GLU A 45 -34.22 7.04 -5.54
N PHE A 46 -34.76 5.92 -6.01
CA PHE A 46 -34.21 5.19 -7.15
C PHE A 46 -34.67 5.76 -8.48
N ARG A 47 -35.68 6.62 -8.45
CA ARG A 47 -36.23 7.19 -9.68
C ARG A 47 -35.22 8.09 -10.40
N ASN A 48 -34.36 8.79 -9.67
CA ASN A 48 -33.44 9.73 -10.31
C ASN A 48 -31.99 9.34 -10.10
N PHE A 49 -31.34 8.98 -11.21
CA PHE A 49 -30.02 8.38 -11.20
C PHE A 49 -28.91 9.33 -10.76
N SER A 50 -28.77 10.43 -11.48
CA SER A 50 -27.76 11.42 -11.13
C SER A 50 -27.84 11.92 -9.70
N ARG A 51 -29.04 12.07 -9.15
CA ARG A 51 -29.13 12.57 -7.79
C ARG A 51 -28.68 11.51 -6.81
N TYR A 52 -28.98 10.25 -7.11
CA TYR A 52 -28.61 9.21 -6.16
C TYR A 52 -27.09 9.08 -6.11
N ILE A 53 -26.43 9.22 -7.26
CA ILE A 53 -24.96 9.21 -7.32
C ILE A 53 -24.38 10.32 -6.45
N ALA A 54 -24.90 11.53 -6.61
CA ALA A 54 -24.49 12.62 -5.73
C ALA A 54 -24.74 12.25 -4.26
N TYR A 55 -25.87 11.60 -3.98
CA TYR A 55 -26.18 11.20 -2.61
C TYR A 55 -25.15 10.22 -2.03
N ILE A 56 -24.82 9.15 -2.75
CA ILE A 56 -23.86 8.20 -2.22
C ILE A 56 -22.45 8.81 -2.11
N GLU A 57 -22.16 9.81 -2.93
CA GLU A 57 -20.91 10.55 -2.80
C GLU A 57 -20.94 11.44 -1.55
N SER A 58 -22.11 11.97 -1.20
CA SER A 58 -22.21 12.78 0.02
C SER A 58 -21.94 11.90 1.25
N GLN A 59 -22.10 10.59 1.08
CA GLN A 59 -21.82 9.64 2.14
C GLN A 59 -20.41 9.07 2.08
N GLY A 60 -19.58 9.55 1.16
CA GLY A 60 -18.21 9.11 1.03
C GLY A 60 -17.97 7.80 0.30
N ALA A 61 -18.99 7.28 -0.39
CA ALA A 61 -18.85 6.04 -1.16
C ALA A 61 -17.68 6.07 -2.16
N HIS A 62 -17.47 7.23 -2.79
CA HIS A 62 -16.45 7.36 -3.83
C HIS A 62 -15.04 7.08 -3.33
N ARG A 63 -14.81 7.29 -2.02
CA ARG A 63 -13.48 7.06 -1.44
C ARG A 63 -13.03 5.61 -1.54
N ALA A 64 -13.98 4.69 -1.63
CA ALA A 64 -13.64 3.28 -1.83
C ALA A 64 -13.29 2.98 -3.29
N GLY A 65 -13.76 3.82 -4.20
CA GLY A 65 -13.53 3.63 -5.63
C GLY A 65 -14.60 2.75 -6.27
N LEU A 66 -15.34 2.03 -5.44
CA LEU A 66 -16.36 1.09 -5.92
C LEU A 66 -17.50 1.09 -4.93
N ALA A 67 -18.75 0.98 -5.41
CA ALA A 67 -19.91 0.88 -4.51
C ALA A 67 -20.97 -0.06 -5.03
N LYS A 68 -21.70 -0.69 -4.13
CA LYS A 68 -22.81 -1.56 -4.55
C LYS A 68 -24.15 -0.92 -4.27
N VAL A 69 -25.05 -0.97 -5.23
CA VAL A 69 -26.39 -0.44 -5.05
C VAL A 69 -27.43 -1.51 -5.34
N VAL A 70 -28.08 -1.99 -4.29
CA VAL A 70 -29.15 -2.96 -4.46
C VAL A 70 -30.46 -2.27 -4.77
N PRO A 71 -31.02 -2.52 -5.96
CA PRO A 71 -32.30 -1.91 -6.32
C PRO A 71 -33.44 -2.56 -5.53
N PRO A 72 -34.59 -1.89 -5.43
CA PRO A 72 -35.75 -2.43 -4.68
C PRO A 72 -36.36 -3.66 -5.34
N LYS A 73 -36.93 -4.57 -4.53
CA LYS A 73 -37.55 -5.81 -5.02
C LYS A 73 -38.69 -5.56 -6.02
N GLU A 74 -39.15 -4.31 -6.05
CA GLU A 74 -40.23 -3.85 -6.91
C GLU A 74 -39.77 -3.74 -8.37
N TRP A 75 -38.46 -3.91 -8.59
CA TRP A 75 -37.85 -3.47 -9.84
C TRP A 75 -37.31 -4.61 -10.69
N LYS A 76 -37.32 -4.40 -12.01
CA LYS A 76 -36.74 -5.33 -12.97
C LYS A 76 -36.61 -4.60 -14.31
N PRO A 77 -35.50 -4.84 -15.03
CA PRO A 77 -35.24 -4.21 -16.33
C PRO A 77 -35.73 -5.05 -17.51
N ARG A 78 -36.10 -6.29 -17.22
CA ARG A 78 -36.63 -7.18 -18.24
C ARG A 78 -37.59 -8.18 -17.61
N ALA A 79 -38.68 -8.49 -18.30
CA ALA A 79 -39.64 -9.46 -17.80
C ALA A 79 -39.03 -10.86 -17.76
N SER A 80 -38.40 -11.27 -18.87
CA SER A 80 -37.78 -12.60 -18.95
C SER A 80 -36.53 -12.63 -19.83
N TYR A 81 -35.54 -13.41 -19.41
CA TYR A 81 -34.33 -13.63 -20.20
C TYR A 81 -34.38 -14.95 -20.96
N ASP A 82 -35.56 -15.59 -20.98
CA ASP A 82 -35.71 -16.91 -21.57
C ASP A 82 -35.81 -16.86 -23.09
N ASP A 83 -35.49 -15.72 -23.68
CA ASP A 83 -35.62 -15.54 -25.13
C ASP A 83 -34.36 -15.01 -25.80
N ILE A 84 -33.20 -15.28 -25.22
CA ILE A 84 -31.96 -14.62 -25.65
C ILE A 84 -30.88 -15.56 -26.18
N ASP A 85 -31.21 -16.83 -26.37
CA ASP A 85 -30.21 -17.87 -26.66
C ASP A 85 -29.64 -17.82 -28.06
N ASP A 86 -30.27 -17.03 -28.94
CA ASP A 86 -29.82 -16.96 -30.32
C ASP A 86 -29.07 -15.65 -30.57
N LEU A 87 -28.90 -14.87 -29.52
CA LEU A 87 -28.10 -13.65 -29.60
C LEU A 87 -26.65 -14.01 -29.90
N VAL A 88 -26.05 -13.28 -30.82
CA VAL A 88 -24.70 -13.59 -31.28
C VAL A 88 -23.63 -12.90 -30.43
N ILE A 89 -22.61 -13.64 -30.04
CA ILE A 89 -21.36 -13.09 -29.50
C ILE A 89 -20.36 -13.07 -30.63
N PRO A 90 -20.18 -11.91 -31.27
CA PRO A 90 -19.42 -11.83 -32.53
C PRO A 90 -17.95 -12.20 -32.38
N ALA A 91 -17.40 -12.02 -31.19
CA ALA A 91 -15.95 -12.06 -31.00
C ALA A 91 -15.58 -12.57 -29.63
N PRO A 92 -15.76 -13.88 -29.39
CA PRO A 92 -15.45 -14.40 -28.06
C PRO A 92 -13.95 -14.44 -27.80
N ILE A 93 -13.56 -14.31 -26.54
CA ILE A 93 -12.14 -14.21 -26.19
C ILE A 93 -11.71 -15.34 -25.27
N GLN A 94 -10.69 -16.10 -25.69
CA GLN A 94 -10.11 -17.09 -24.80
C GLN A 94 -8.99 -16.44 -23.98
N GLN A 95 -9.11 -16.54 -22.66
CA GLN A 95 -8.18 -15.87 -21.76
C GLN A 95 -7.04 -16.77 -21.34
N LEU A 96 -5.86 -16.51 -21.88
CA LEU A 96 -4.69 -17.30 -21.51
C LEU A 96 -3.82 -16.53 -20.51
N VAL A 97 -3.73 -17.04 -19.28
CA VAL A 97 -2.98 -16.36 -18.25
C VAL A 97 -1.62 -16.99 -18.00
N THR A 98 -0.59 -16.15 -17.96
CA THR A 98 0.74 -16.62 -17.70
C THR A 98 1.34 -15.86 -16.51
N GLY A 99 2.11 -16.58 -15.69
CA GLY A 99 2.78 -15.98 -14.56
C GLY A 99 2.69 -16.85 -13.33
N GLN A 100 3.26 -16.37 -12.23
CA GLN A 100 3.33 -17.15 -11.00
C GLN A 100 3.35 -16.29 -9.73
N SER A 101 2.87 -16.88 -8.63
CA SER A 101 2.91 -16.27 -7.31
C SER A 101 2.38 -14.85 -7.28
N GLY A 102 1.11 -14.70 -7.67
CA GLY A 102 0.39 -13.46 -7.50
C GLY A 102 0.53 -12.44 -8.61
N LEU A 103 1.44 -12.69 -9.56
CA LEU A 103 1.67 -11.78 -10.66
C LEU A 103 1.47 -12.44 -12.02
N PHE A 104 0.55 -11.90 -12.81
CA PHE A 104 0.13 -12.58 -14.04
C PHE A 104 -0.11 -11.60 -15.20
N THR A 105 0.15 -12.08 -16.41
CA THR A 105 -0.18 -11.37 -17.61
C THR A 105 -1.16 -12.21 -18.42
N GLN A 106 -2.23 -11.58 -18.86
CA GLN A 106 -3.34 -12.26 -19.50
C GLN A 106 -3.37 -11.96 -20.98
N TYR A 107 -3.22 -12.99 -21.79
CA TYR A 107 -3.24 -12.82 -23.24
C TYR A 107 -4.62 -13.19 -23.82
N ASN A 108 -5.01 -12.53 -24.90
CA ASN A 108 -6.30 -12.83 -25.51
C ASN A 108 -6.19 -13.64 -26.80
N ILE A 109 -6.98 -14.70 -26.89
CA ILE A 109 -7.05 -15.48 -28.12
C ILE A 109 -8.46 -15.33 -28.66
N GLN A 110 -8.59 -14.68 -29.82
CA GLN A 110 -9.90 -14.45 -30.38
C GLN A 110 -10.42 -15.68 -31.11
N LYS A 111 -11.59 -16.16 -30.67
CA LYS A 111 -12.25 -17.32 -31.24
C LYS A 111 -13.35 -16.88 -32.22
N LYS A 112 -13.92 -17.83 -32.93
CA LYS A 112 -14.96 -17.54 -33.92
C LYS A 112 -16.29 -17.23 -33.23
N ALA A 113 -17.18 -16.54 -33.94
CA ALA A 113 -18.45 -16.09 -33.37
C ALA A 113 -19.30 -17.23 -32.83
N MET A 114 -20.17 -16.90 -31.88
CA MET A 114 -20.82 -17.89 -31.04
C MET A 114 -22.15 -17.33 -30.58
N THR A 115 -23.12 -18.20 -30.30
CA THR A 115 -24.38 -17.76 -29.74
C THR A 115 -24.40 -17.96 -28.23
N VAL A 116 -25.31 -17.26 -27.56
CA VAL A 116 -25.47 -17.45 -26.14
C VAL A 116 -25.72 -18.92 -25.75
N ARG A 117 -26.53 -19.63 -26.53
CA ARG A 117 -26.84 -21.02 -26.18
C ARG A 117 -25.56 -21.86 -26.26
N GLU A 118 -24.80 -21.69 -27.34
CA GLU A 118 -23.50 -22.34 -27.46
C GLU A 118 -22.60 -21.97 -26.28
N PHE A 119 -22.57 -20.69 -25.94
CA PHE A 119 -21.74 -20.23 -24.85
C PHE A 119 -22.17 -20.90 -23.53
N ARG A 120 -23.49 -20.98 -23.30
CA ARG A 120 -24.01 -21.58 -22.08
C ARG A 120 -23.59 -23.04 -21.94
N LYS A 121 -23.80 -23.81 -23.01
CA LYS A 121 -23.37 -25.21 -23.04
C LYS A 121 -21.91 -25.39 -22.62
N ILE A 122 -21.01 -24.63 -23.27
CA ILE A 122 -19.58 -24.70 -22.97
C ILE A 122 -19.28 -24.34 -21.51
N ALA A 123 -19.79 -23.19 -21.07
CA ALA A 123 -19.67 -22.74 -19.68
C ALA A 123 -20.13 -23.77 -18.67
N ASN A 124 -21.23 -24.46 -18.97
CA ASN A 124 -21.81 -25.42 -18.02
C ASN A 124 -21.20 -26.81 -18.13
N SER A 125 -20.54 -27.09 -19.26
CA SER A 125 -19.87 -28.36 -19.48
C SER A 125 -18.89 -28.66 -18.37
N ASP A 126 -18.57 -29.94 -18.19
CA ASP A 126 -17.80 -30.38 -17.02
C ASP A 126 -16.39 -29.82 -17.06
N LYS A 127 -15.90 -29.57 -18.27
CA LYS A 127 -14.54 -29.06 -18.43
C LYS A 127 -14.40 -27.64 -17.89
N TYR A 128 -15.43 -26.83 -18.10
CA TYR A 128 -15.33 -25.42 -17.78
C TYR A 128 -16.17 -24.94 -16.60
N CYS A 129 -16.84 -25.84 -15.88
CA CYS A 129 -17.85 -25.36 -14.94
C CYS A 129 -17.30 -25.08 -13.56
N THR A 130 -18.08 -24.38 -12.75
CA THR A 130 -17.68 -23.97 -11.41
C THR A 130 -17.35 -25.16 -10.51
N PRO A 131 -16.20 -25.12 -9.82
CA PRO A 131 -15.93 -26.20 -8.87
C PRO A 131 -16.81 -26.07 -7.62
N ARG A 132 -16.92 -27.14 -6.84
CA ARG A 132 -17.75 -27.12 -5.64
C ARG A 132 -17.07 -26.33 -4.53
N TYR A 133 -17.86 -25.60 -3.75
CA TYR A 133 -17.30 -24.78 -2.68
C TYR A 133 -18.35 -24.41 -1.64
N SER A 134 -17.87 -24.08 -0.43
CA SER A 134 -18.72 -23.60 0.64
C SER A 134 -18.69 -22.07 0.74
N GLU A 135 -17.60 -21.53 1.29
CA GLU A 135 -17.45 -20.09 1.47
C GLU A 135 -16.87 -19.44 0.22
N PHE A 136 -17.05 -18.12 0.08
CA PHE A 136 -16.48 -17.42 -1.06
CA PHE A 136 -16.48 -17.39 -1.04
C PHE A 136 -14.96 -17.50 -1.02
N GLU A 137 -14.40 -17.45 0.19
CA GLU A 137 -12.96 -17.54 0.40
C GLU A 137 -12.39 -18.78 -0.28
N GLU A 138 -13.18 -19.85 -0.29
CA GLU A 138 -12.79 -21.11 -0.91
C GLU A 138 -12.67 -20.96 -2.41
N LEU A 139 -13.65 -20.31 -3.04
CA LEU A 139 -13.61 -20.10 -4.48
C LEU A 139 -12.47 -19.12 -4.84
N GLU A 140 -12.24 -18.15 -3.97
CA GLU A 140 -11.16 -17.17 -4.19
C GLU A 140 -9.82 -17.88 -4.29
N ARG A 141 -9.51 -18.74 -3.32
CA ARG A 141 -8.31 -19.57 -3.37
C ARG A 141 -8.20 -20.45 -4.63
N LYS A 142 -9.30 -21.04 -5.08
CA LYS A 142 -9.23 -21.91 -6.25
C LYS A 142 -9.01 -21.10 -7.54
N TYR A 143 -9.49 -19.86 -7.54
CA TYR A 143 -9.28 -18.99 -8.67
C TYR A 143 -7.81 -18.59 -8.79
N TRP A 144 -7.22 -18.13 -7.69
CA TRP A 144 -5.81 -17.70 -7.72
C TRP A 144 -4.82 -18.85 -7.81
N LYS A 145 -5.27 -20.09 -7.67
CA LYS A 145 -4.37 -21.22 -7.86
C LYS A 145 -4.55 -21.87 -9.24
N ASN A 146 -5.73 -21.71 -9.86
CA ASN A 146 -5.98 -22.39 -11.13
C ASN A 146 -6.14 -21.43 -12.31
N LEU A 147 -5.85 -20.15 -12.05
CA LEU A 147 -5.93 -19.07 -13.04
C LEU A 147 -5.24 -19.35 -14.38
N THR A 148 -4.09 -20.01 -14.36
CA THR A 148 -3.32 -20.21 -15.59
C THR A 148 -3.60 -21.55 -16.30
N PHE A 149 -4.53 -22.35 -15.77
CA PHE A 149 -4.88 -23.65 -16.34
C PHE A 149 -6.26 -23.64 -16.99
N ASN A 150 -6.41 -24.42 -18.06
CA ASN A 150 -7.71 -24.59 -18.71
C ASN A 150 -8.34 -23.24 -19.08
N PRO A 151 -7.73 -22.51 -20.03
CA PRO A 151 -8.22 -21.16 -20.34
C PRO A 151 -9.68 -21.10 -20.77
N PRO A 152 -10.47 -20.28 -20.06
CA PRO A 152 -11.90 -20.12 -20.29
C PRO A 152 -12.21 -19.17 -21.43
N ILE A 153 -13.48 -19.04 -21.79
CA ILE A 153 -13.85 -18.16 -22.88
C ILE A 153 -14.73 -17.05 -22.27
N TYR A 154 -14.50 -15.80 -22.70
CA TYR A 154 -15.25 -14.65 -22.16
C TYR A 154 -15.98 -13.99 -23.30
N GLY A 155 -17.29 -13.86 -23.16
CA GLY A 155 -18.10 -13.20 -24.18
C GLY A 155 -18.21 -11.73 -23.81
N ALA A 156 -17.11 -11.00 -24.02
CA ALA A 156 -17.02 -9.62 -23.57
C ALA A 156 -17.24 -8.63 -24.72
N ASP A 157 -17.58 -7.39 -24.35
CA ASP A 157 -17.70 -6.28 -25.30
C ASP A 157 -18.70 -6.57 -26.42
N VAL A 158 -19.84 -7.13 -26.06
CA VAL A 158 -20.92 -7.30 -27.01
C VAL A 158 -21.82 -6.08 -26.99
N ASN A 159 -21.99 -5.46 -28.16
CA ASN A 159 -22.86 -4.29 -28.29
C ASN A 159 -24.32 -4.65 -28.08
N GLY A 160 -24.97 -3.97 -27.14
CA GLY A 160 -26.38 -4.20 -26.92
C GLY A 160 -26.81 -3.96 -25.50
N THR A 161 -28.12 -3.98 -25.30
CA THR A 161 -28.73 -3.84 -23.99
C THR A 161 -29.78 -4.95 -23.82
N LEU A 162 -30.05 -5.32 -22.57
CA LEU A 162 -31.15 -6.23 -22.26
C LEU A 162 -32.25 -5.53 -21.44
N TYR A 163 -32.27 -4.19 -21.45
CA TYR A 163 -33.37 -3.45 -20.85
C TYR A 163 -34.58 -3.41 -21.80
N GLU A 164 -35.78 -3.54 -21.24
CA GLU A 164 -36.97 -3.25 -22.01
C GLU A 164 -36.91 -1.76 -22.33
N LYS A 165 -37.45 -1.36 -23.47
CA LYS A 165 -37.41 0.05 -23.90
C LYS A 165 -38.20 0.98 -22.97
N HIS A 166 -39.11 0.45 -22.16
CA HIS A 166 -40.00 1.28 -21.34
C HIS A 166 -39.49 1.56 -19.91
N VAL A 167 -38.35 0.99 -19.53
CA VAL A 167 -37.82 1.19 -18.18
C VAL A 167 -37.02 2.49 -18.08
N ASP A 168 -37.48 3.39 -17.21
CA ASP A 168 -36.89 4.73 -17.14
C ASP A 168 -35.92 4.90 -15.98
N GLU A 169 -35.87 3.93 -15.09
CA GLU A 169 -34.99 4.00 -13.92
C GLU A 169 -33.66 3.29 -14.20
N TRP A 170 -32.57 4.02 -14.01
CA TRP A 170 -31.24 3.42 -14.09
C TRP A 170 -31.03 2.65 -15.39
N ASN A 171 -31.50 3.21 -16.49
CA ASN A 171 -31.34 2.55 -17.78
C ASN A 171 -29.97 2.80 -18.37
N ILE A 172 -29.16 1.75 -18.42
CA ILE A 172 -27.76 1.81 -18.78
C ILE A 172 -27.53 2.37 -20.19
N GLY A 173 -28.54 2.22 -21.06
CA GLY A 173 -28.50 2.81 -22.40
C GLY A 173 -28.76 4.31 -22.47
N ARG A 174 -29.35 4.91 -21.45
CA ARG A 174 -29.60 6.35 -21.44
C ARG A 174 -29.73 6.89 -20.01
N LEU A 175 -28.60 7.20 -19.39
CA LEU A 175 -28.55 7.61 -17.99
C LEU A 175 -28.68 9.12 -17.84
N ARG A 176 -28.50 9.82 -18.96
CA ARG A 176 -28.71 11.27 -19.03
C ARG A 176 -27.75 12.08 -18.16
N THR A 177 -26.50 11.63 -18.07
CA THR A 177 -25.49 12.39 -17.34
C THR A 177 -24.78 13.33 -18.32
N ILE A 178 -23.89 14.17 -17.82
CA ILE A 178 -23.21 15.12 -18.69
C ILE A 178 -22.25 14.44 -19.67
N LEU A 179 -22.03 13.14 -19.54
CA LEU A 179 -21.26 12.41 -20.56
C LEU A 179 -21.94 12.55 -21.92
N ASP A 180 -23.25 12.82 -21.92
CA ASP A 180 -24.01 13.00 -23.16
C ASP A 180 -23.51 14.16 -24.01
N LEU A 181 -22.72 15.04 -23.40
CA LEU A 181 -22.17 16.19 -24.09
C LEU A 181 -21.22 15.81 -25.23
N VAL A 182 -20.65 14.61 -25.15
CA VAL A 182 -19.77 14.12 -26.18
C VAL A 182 -20.53 13.91 -27.48
N GLU A 183 -21.55 13.06 -27.41
CA GLU A 183 -22.39 12.79 -28.56
C GLU A 183 -23.12 14.07 -28.99
N LYS A 184 -23.72 14.77 -28.02
CA LYS A 184 -24.51 15.96 -28.32
C LYS A 184 -23.75 16.98 -29.17
N GLU A 185 -22.49 17.23 -28.86
CA GLU A 185 -21.79 18.28 -29.59
C GLU A 185 -20.73 17.79 -30.58
N SER A 186 -20.66 16.48 -30.79
CA SER A 186 -19.72 15.97 -31.79
C SER A 186 -20.32 14.84 -32.63
N GLY A 187 -21.40 14.23 -32.15
CA GLY A 187 -22.00 13.11 -32.85
C GLY A 187 -21.28 11.80 -32.63
N ILE A 188 -20.10 11.86 -31.99
CA ILE A 188 -19.29 10.66 -31.77
C ILE A 188 -19.88 9.68 -30.72
N THR A 189 -20.07 8.44 -31.15
CA THR A 189 -20.37 7.35 -30.24
C THR A 189 -19.13 6.52 -30.03
N ILE A 190 -18.83 6.22 -28.78
CA ILE A 190 -17.68 5.41 -28.39
C ILE A 190 -18.20 4.14 -27.77
N GLU A 191 -18.14 3.03 -28.50
CA GLU A 191 -18.74 1.78 -28.05
C GLU A 191 -18.34 1.34 -26.63
N GLY A 192 -19.33 1.12 -25.77
CA GLY A 192 -19.08 0.66 -24.42
C GLY A 192 -18.90 1.82 -23.46
N VAL A 193 -18.60 3.00 -24.01
CA VAL A 193 -18.35 4.17 -23.19
C VAL A 193 -19.59 5.07 -23.12
N ASN A 194 -20.18 5.43 -24.26
CA ASN A 194 -21.50 6.07 -24.23
C ASN A 194 -22.55 5.23 -24.96
N THR A 195 -22.28 3.93 -25.04
CA THR A 195 -23.25 2.91 -25.46
C THR A 195 -23.03 1.67 -24.56
N PRO A 196 -24.05 0.79 -24.42
CA PRO A 196 -23.87 -0.35 -23.49
C PRO A 196 -23.08 -1.50 -24.07
N TYR A 197 -22.44 -2.27 -23.19
CA TYR A 197 -21.76 -3.52 -23.52
C TYR A 197 -22.39 -4.62 -22.69
N LEU A 198 -22.46 -5.82 -23.26
CA LEU A 198 -22.89 -6.97 -22.50
C LEU A 198 -21.68 -7.88 -22.34
N TYR A 199 -21.57 -8.50 -21.18
CA TYR A 199 -20.48 -9.42 -20.94
C TYR A 199 -21.07 -10.77 -20.55
N PHE A 200 -20.74 -11.82 -21.28
CA PHE A 200 -21.13 -13.17 -20.86
C PHE A 200 -19.94 -13.90 -20.24
N GLY A 201 -20.03 -14.15 -18.95
CA GLY A 201 -18.91 -14.76 -18.25
C GLY A 201 -19.11 -16.25 -18.05
N MET A 202 -18.01 -16.95 -17.79
CA MET A 202 -18.03 -18.29 -17.27
C MET A 202 -16.95 -18.34 -16.18
N TRP A 203 -16.90 -19.45 -15.45
CA TRP A 203 -15.97 -19.62 -14.34
C TRP A 203 -14.55 -19.27 -14.72
N LYS A 204 -13.92 -18.41 -13.90
CA LYS A 204 -12.51 -18.04 -14.01
C LYS A 204 -12.23 -17.01 -15.11
N THR A 205 -13.27 -16.48 -15.75
CA THR A 205 -13.04 -15.36 -16.65
C THR A 205 -12.75 -14.14 -15.79
N SER A 206 -11.82 -13.30 -16.24
CA SER A 206 -11.29 -12.21 -15.44
C SER A 206 -11.33 -10.88 -16.13
N PHE A 207 -11.40 -9.81 -15.33
CA PHE A 207 -11.00 -8.50 -15.83
C PHE A 207 -9.82 -8.01 -15.00
N ALA A 208 -8.78 -7.60 -15.71
CA ALA A 208 -7.50 -7.16 -15.14
C ALA A 208 -7.64 -5.82 -14.42
N TRP A 209 -6.64 -5.43 -13.64
CA TRP A 209 -6.58 -4.10 -13.02
C TRP A 209 -6.63 -2.95 -14.03
N HIS A 210 -7.59 -2.06 -13.86
CA HIS A 210 -7.73 -0.89 -14.71
C HIS A 210 -8.58 0.20 -14.05
N THR A 211 -8.44 1.44 -14.51
CA THR A 211 -9.45 2.46 -14.26
C THR A 211 -10.22 2.61 -15.57
N GLU A 212 -11.29 3.39 -15.58
CA GLU A 212 -12.09 3.47 -16.80
C GLU A 212 -11.40 4.39 -17.81
N ASP A 213 -11.83 4.34 -19.07
CA ASP A 213 -11.33 5.25 -20.09
C ASP A 213 -11.53 6.69 -19.65
N MET A 214 -10.52 7.54 -19.87
CA MET A 214 -10.55 8.94 -19.41
C MET A 214 -10.90 9.06 -17.90
N ASP A 215 -10.68 7.99 -17.16
CA ASP A 215 -10.96 7.91 -15.72
C ASP A 215 -12.41 8.29 -15.39
N LEU A 216 -13.33 7.88 -16.26
CA LEU A 216 -14.76 8.06 -16.04
C LEU A 216 -15.31 7.15 -14.94
N TYR A 217 -16.55 7.38 -14.57
CA TYR A 217 -17.28 6.45 -13.75
C TYR A 217 -17.70 5.24 -14.61
N SER A 218 -18.07 4.17 -13.93
CA SER A 218 -18.58 2.97 -14.58
C SER A 218 -19.82 2.55 -13.81
N ILE A 219 -20.80 1.95 -14.50
CA ILE A 219 -21.93 1.26 -13.83
C ILE A 219 -22.10 -0.16 -14.42
N ASN A 220 -22.25 -1.16 -13.58
CA ASN A 220 -22.33 -2.56 -14.06
C ASN A 220 -23.57 -3.25 -13.47
N TYR A 221 -24.41 -3.83 -14.32
CA TYR A 221 -25.61 -4.52 -13.81
C TYR A 221 -25.58 -5.98 -14.14
N LEU A 222 -25.69 -6.83 -13.13
CA LEU A 222 -25.58 -8.25 -13.37
C LEU A 222 -26.98 -8.83 -13.60
N HIS A 223 -27.34 -9.03 -14.86
CA HIS A 223 -28.70 -9.45 -15.22
C HIS A 223 -29.06 -10.79 -14.63
N PHE A 224 -28.21 -11.80 -14.82
CA PHE A 224 -28.52 -13.14 -14.32
C PHE A 224 -27.29 -14.02 -14.15
N GLY A 225 -27.40 -15.03 -13.31
CA GLY A 225 -26.41 -16.09 -13.27
C GLY A 225 -25.58 -16.05 -12.02
N GLU A 226 -24.40 -16.65 -12.09
CA GLU A 226 -23.52 -16.77 -10.96
C GLU A 226 -22.87 -15.42 -10.61
N PRO A 227 -22.38 -15.30 -9.36
CA PRO A 227 -21.86 -14.00 -8.93
C PRO A 227 -20.60 -13.53 -9.68
N LYS A 228 -20.26 -12.28 -9.42
CA LYS A 228 -19.06 -11.66 -9.96
C LYS A 228 -18.35 -11.01 -8.79
N SER A 229 -17.10 -11.38 -8.54
CA SER A 229 -16.37 -10.78 -7.42
C SER A 229 -15.47 -9.65 -7.91
N TRP A 230 -15.23 -8.66 -7.05
CA TRP A 230 -14.55 -7.43 -7.40
C TRP A 230 -13.48 -7.11 -6.39
N TYR A 231 -12.34 -6.63 -6.84
CA TYR A 231 -11.35 -6.02 -5.95
C TYR A 231 -11.30 -4.56 -6.30
N SER A 232 -10.95 -3.71 -5.35
CA SER A 232 -10.85 -2.28 -5.59
CA SER A 232 -10.82 -2.28 -5.61
C SER A 232 -9.75 -1.63 -4.75
N VAL A 233 -9.11 -0.60 -5.29
CA VAL A 233 -8.16 0.22 -4.57
C VAL A 233 -8.71 1.65 -4.54
N PRO A 234 -8.79 2.26 -3.35
CA PRO A 234 -9.19 3.66 -3.18
C PRO A 234 -8.45 4.60 -4.12
N PRO A 235 -9.16 5.51 -4.79
CA PRO A 235 -8.49 6.48 -5.68
C PRO A 235 -7.33 7.22 -5.01
N GLU A 236 -7.42 7.47 -3.72
CA GLU A 236 -6.37 8.20 -3.04
C GLU A 236 -5.08 7.35 -2.91
N HIS A 237 -5.17 6.03 -3.11
CA HIS A 237 -3.96 5.19 -3.14
C HIS A 237 -3.63 4.63 -4.53
N GLY A 238 -4.32 5.11 -5.54
CA GLY A 238 -4.14 4.63 -6.91
C GLY A 238 -2.70 4.63 -7.33
N LYS A 239 -2.00 5.73 -7.05
CA LYS A 239 -0.60 5.90 -7.46
C LYS A 239 0.31 4.85 -6.87
N ARG A 240 0.00 4.41 -5.66
CA ARG A 240 0.78 3.33 -5.03
C ARG A 240 0.66 2.02 -5.81
N LEU A 241 -0.51 1.74 -6.37
CA LEU A 241 -0.71 0.54 -7.17
C LEU A 241 0.10 0.65 -8.47
N GLU A 242 0.13 1.85 -9.07
CA GLU A 242 0.88 2.06 -10.31
C GLU A 242 2.38 1.94 -10.04
N ARG A 243 2.83 2.49 -8.92
CA ARG A 243 4.24 2.43 -8.57
C ARG A 243 4.67 0.97 -8.47
N LEU A 244 3.84 0.17 -7.81
CA LEU A 244 4.09 -1.26 -7.65
C LEU A 244 4.12 -1.97 -9.01
N ALA A 245 3.17 -1.63 -9.87
CA ALA A 245 3.08 -2.24 -11.20
C ALA A 245 4.27 -1.88 -12.08
N LYS A 246 4.66 -0.61 -12.07
CA LYS A 246 5.83 -0.17 -12.83
C LYS A 246 7.09 -0.89 -12.36
N GLY A 247 7.15 -1.23 -11.07
CA GLY A 247 8.31 -1.93 -10.54
C GLY A 247 8.37 -3.39 -10.94
N PHE A 248 7.21 -4.04 -11.07
CA PHE A 248 7.16 -5.44 -11.50
C PHE A 248 7.24 -5.62 -13.01
N PHE A 249 6.79 -4.63 -13.77
CA PHE A 249 6.87 -4.68 -15.22
C PHE A 249 7.64 -3.49 -15.79
N PRO A 250 8.94 -3.41 -15.51
CA PRO A 250 9.74 -2.28 -16.01
C PRO A 250 9.72 -2.16 -17.53
N GLY A 251 9.81 -3.29 -18.24
CA GLY A 251 9.72 -3.27 -19.70
C GLY A 251 8.45 -2.59 -20.20
N SER A 252 7.29 -3.04 -19.71
CA SER A 252 6.01 -2.48 -20.09
C SER A 252 5.92 -0.99 -19.77
N ALA A 253 6.51 -0.63 -18.63
CA ALA A 253 6.41 0.73 -18.12
C ALA A 253 7.16 1.69 -19.01
N GLN A 254 8.30 1.24 -19.54
CA GLN A 254 9.06 2.06 -20.46
C GLN A 254 8.37 2.15 -21.83
N SER A 255 7.68 1.10 -22.26
CA SER A 255 7.06 1.10 -23.59
C SER A 255 5.74 1.88 -23.70
N CYS A 256 5.08 2.13 -22.59
CA CYS A 256 3.79 2.80 -22.58
C CYS A 256 3.64 3.63 -21.30
N GLU A 257 3.00 4.78 -21.41
CA GLU A 257 2.81 5.67 -20.28
C GLU A 257 1.68 5.23 -19.35
N ALA A 258 0.86 4.30 -19.81
CA ALA A 258 -0.26 3.83 -19.00
C ALA A 258 -0.58 2.38 -19.34
N PHE A 259 0.37 1.47 -19.09
CA PHE A 259 0.23 0.10 -19.62
C PHE A 259 -0.91 -0.68 -18.95
N LEU A 260 -1.38 -0.22 -17.79
CA LEU A 260 -2.47 -0.92 -17.13
C LEU A 260 -3.78 -0.78 -17.94
N ARG A 261 -3.88 0.25 -18.77
CA ARG A 261 -5.06 0.39 -19.63
C ARG A 261 -5.05 -0.66 -20.73
N HIS A 262 -3.96 -1.42 -20.86
CA HIS A 262 -3.96 -2.55 -21.78
C HIS A 262 -4.85 -3.67 -21.25
N LYS A 263 -5.25 -3.59 -19.97
CA LYS A 263 -6.13 -4.57 -19.31
C LYS A 263 -5.57 -6.00 -19.34
N MET A 264 -4.26 -6.16 -19.14
CA MET A 264 -3.63 -7.47 -19.19
C MET A 264 -3.01 -7.91 -17.86
N THR A 265 -3.02 -7.02 -16.88
CA THR A 265 -2.24 -7.26 -15.66
C THR A 265 -3.07 -7.71 -14.46
N LEU A 266 -2.80 -8.91 -13.97
CA LEU A 266 -3.52 -9.41 -12.80
C LEU A 266 -2.56 -9.52 -11.61
N ILE A 267 -3.04 -9.08 -10.44
CA ILE A 267 -2.25 -9.02 -9.23
C ILE A 267 -3.09 -9.51 -8.06
N SER A 268 -2.68 -10.59 -7.42
CA SER A 268 -3.50 -11.21 -6.38
C SER A 268 -3.58 -10.34 -5.12
N PRO A 269 -4.63 -10.51 -4.31
CA PRO A 269 -4.75 -9.75 -3.06
C PRO A 269 -3.57 -9.99 -2.10
N LEU A 270 -3.07 -11.22 -2.01
CA LEU A 270 -1.89 -11.45 -1.18
C LEU A 270 -0.73 -10.54 -1.59
N MET A 271 -0.57 -10.36 -2.91
CA MET A 271 0.54 -9.55 -3.41
C MET A 271 0.34 -8.10 -2.96
N LEU A 272 -0.90 -7.62 -3.05
CA LEU A 272 -1.24 -6.27 -2.63
C LEU A 272 -0.99 -6.10 -1.14
N LYS A 273 -1.35 -7.12 -0.36
CA LYS A 273 -1.16 -7.09 1.09
C LYS A 273 0.32 -7.03 1.43
N LYS A 274 1.09 -7.89 0.78
CA LYS A 274 2.53 -7.96 0.97
C LYS A 274 3.22 -6.59 0.75
N TYR A 275 2.66 -5.76 -0.13
CA TYR A 275 3.26 -4.48 -0.42
C TYR A 275 2.43 -3.31 0.07
N GLY A 276 1.52 -3.58 1.00
CA GLY A 276 0.79 -2.51 1.67
C GLY A 276 -0.11 -1.61 0.82
N ILE A 277 -0.64 -2.11 -0.30
CA ILE A 277 -1.70 -1.40 -1.01
C ILE A 277 -3.07 -1.66 -0.36
N PRO A 278 -3.77 -0.61 0.09
CA PRO A 278 -5.07 -0.90 0.68
C PRO A 278 -6.05 -1.29 -0.40
N PHE A 279 -6.88 -2.27 -0.14
CA PHE A 279 -7.90 -2.64 -1.10
C PHE A 279 -9.09 -3.13 -0.35
N ASP A 280 -10.17 -3.36 -1.06
CA ASP A 280 -11.35 -3.96 -0.48
C ASP A 280 -11.91 -4.92 -1.53
N LYS A 281 -12.78 -5.83 -1.11
CA LYS A 281 -13.38 -6.77 -2.06
C LYS A 281 -14.85 -6.94 -1.76
N VAL A 282 -15.60 -7.25 -2.80
CA VAL A 282 -17.04 -7.33 -2.68
C VAL A 282 -17.50 -8.30 -3.74
N THR A 283 -18.61 -8.99 -3.47
CA THR A 283 -19.21 -9.91 -4.40
C THR A 283 -20.54 -9.38 -4.90
N GLN A 284 -20.68 -9.27 -6.21
CA GLN A 284 -21.91 -8.79 -6.83
C GLN A 284 -22.76 -9.99 -7.26
N GLU A 285 -24.00 -10.01 -6.81
CA GLU A 285 -24.91 -11.10 -7.14
C GLU A 285 -25.90 -10.61 -8.16
N ALA A 286 -26.54 -11.53 -8.87
CA ALA A 286 -27.53 -11.23 -9.90
C ALA A 286 -28.57 -10.22 -9.41
N GLY A 287 -28.91 -9.24 -10.23
CA GLY A 287 -29.85 -8.22 -9.83
C GLY A 287 -29.27 -7.03 -9.10
N GLU A 288 -27.96 -6.96 -8.99
CA GLU A 288 -27.30 -5.86 -8.30
C GLU A 288 -26.42 -4.98 -9.23
N PHE A 289 -26.32 -3.70 -8.89
CA PHE A 289 -25.47 -2.76 -9.62
C PHE A 289 -24.12 -2.57 -8.91
N MET A 290 -23.04 -2.45 -9.67
CA MET A 290 -21.77 -1.89 -9.14
C MET A 290 -21.46 -0.57 -9.84
N ILE A 291 -21.04 0.42 -9.06
CA ILE A 291 -20.55 1.71 -9.56
C ILE A 291 -19.06 1.83 -9.30
N THR A 292 -18.27 2.18 -10.31
CA THR A 292 -16.89 2.55 -10.01
C THR A 292 -16.71 4.04 -10.20
N PHE A 293 -15.76 4.61 -9.48
CA PHE A 293 -15.59 6.05 -9.41
C PHE A 293 -14.30 6.45 -10.08
N PRO A 294 -14.15 7.74 -10.41
CA PRO A 294 -12.98 8.15 -11.19
C PRO A 294 -11.66 7.77 -10.53
N TYR A 295 -10.74 7.25 -11.34
CA TYR A 295 -9.42 6.81 -10.87
C TYR A 295 -9.51 5.68 -9.83
N GLY A 296 -10.61 4.95 -9.80
CA GLY A 296 -10.67 3.79 -8.94
C GLY A 296 -10.24 2.51 -9.63
N TYR A 297 -9.06 2.01 -9.29
CA TYR A 297 -8.62 0.74 -9.88
C TYR A 297 -9.49 -0.44 -9.40
N HIS A 298 -9.99 -1.23 -10.34
CA HIS A 298 -10.69 -2.45 -9.96
C HIS A 298 -10.28 -3.65 -10.80
N ALA A 299 -10.55 -4.83 -10.28
CA ALA A 299 -10.32 -6.10 -10.98
C ALA A 299 -11.30 -7.14 -10.41
N GLY A 300 -11.41 -8.30 -11.07
CA GLY A 300 -12.19 -9.39 -10.51
C GLY A 300 -12.35 -10.55 -11.46
N PHE A 301 -13.30 -11.42 -11.14
CA PHE A 301 -13.52 -12.63 -11.91
C PHE A 301 -14.96 -13.09 -11.72
N ASN A 302 -15.49 -13.83 -12.68
CA ASN A 302 -16.85 -14.37 -12.59
C ASN A 302 -16.84 -15.74 -11.90
N HIS A 303 -17.94 -16.08 -11.22
CA HIS A 303 -18.05 -17.37 -10.54
C HIS A 303 -18.53 -18.50 -11.44
N GLY A 304 -19.24 -18.15 -12.52
CA GLY A 304 -19.83 -19.14 -13.40
C GLY A 304 -20.55 -18.42 -14.52
N PHE A 305 -21.37 -19.16 -15.27
CA PHE A 305 -22.15 -18.55 -16.35
C PHE A 305 -23.01 -17.41 -15.80
N ASN A 306 -22.96 -16.28 -16.49
CA ASN A 306 -23.67 -15.07 -16.06
C ASN A 306 -23.66 -14.04 -17.17
N CYS A 307 -24.27 -12.89 -16.93
CA CYS A 307 -24.39 -11.90 -17.96
C CYS A 307 -24.56 -10.51 -17.37
N ALA A 308 -23.64 -9.61 -17.74
CA ALA A 308 -23.61 -8.28 -17.15
C ALA A 308 -23.69 -7.24 -18.23
N GLU A 309 -24.22 -6.08 -17.86
CA GLU A 309 -24.31 -4.96 -18.76
C GLU A 309 -23.60 -3.77 -18.12
N SER A 310 -22.89 -2.99 -18.92
CA SER A 310 -22.22 -1.81 -18.39
C SER A 310 -21.96 -0.70 -19.41
N THR A 311 -21.65 0.48 -18.89
CA THR A 311 -21.31 1.63 -19.72
C THR A 311 -20.60 2.63 -18.80
N ASN A 312 -20.03 3.69 -19.36
CA ASN A 312 -19.42 4.74 -18.55
C ASN A 312 -20.40 5.91 -18.36
N PHE A 313 -20.15 6.75 -17.36
CA PHE A 313 -20.90 8.00 -17.20
C PHE A 313 -20.02 9.01 -16.47
N ALA A 314 -20.55 10.21 -16.29
CA ALA A 314 -19.75 11.28 -15.68
C ALA A 314 -20.58 12.16 -14.71
N THR A 315 -19.89 12.89 -13.86
CA THR A 315 -20.48 13.95 -13.04
C THR A 315 -19.57 15.15 -13.24
N ARG A 316 -19.91 16.27 -12.64
CA ARG A 316 -19.08 17.47 -12.77
C ARG A 316 -17.70 17.26 -12.19
N ARG A 317 -17.63 16.44 -11.14
CA ARG A 317 -16.34 16.13 -10.48
C ARG A 317 -15.39 15.40 -11.42
N TRP A 318 -15.92 14.62 -12.36
CA TRP A 318 -15.05 13.87 -13.26
C TRP A 318 -14.17 14.78 -14.12
N ILE A 319 -14.68 15.97 -14.42
CA ILE A 319 -14.08 16.84 -15.43
C ILE A 319 -12.60 17.06 -15.18
N GLU A 320 -12.24 17.32 -13.94
CA GLU A 320 -10.86 17.47 -13.55
C GLU A 320 -10.06 16.17 -13.70
N TYR A 321 -10.68 15.03 -13.44
CA TYR A 321 -9.99 13.76 -13.68
C TYR A 321 -9.73 13.60 -15.16
N GLY A 322 -10.74 13.92 -15.97
CA GLY A 322 -10.64 13.84 -17.40
C GLY A 322 -9.52 14.70 -17.94
N LYS A 323 -9.32 15.89 -17.37
CA LYS A 323 -8.26 16.82 -17.82
C LYS A 323 -6.87 16.30 -17.50
N GLN A 324 -6.77 15.43 -16.49
CA GLN A 324 -5.47 14.97 -16.01
C GLN A 324 -5.19 13.49 -16.29
N ALA A 325 -6.08 12.81 -16.99
CA ALA A 325 -5.93 11.36 -17.18
C ALA A 325 -4.71 11.06 -18.03
N VAL A 326 -3.92 10.06 -17.63
CA VAL A 326 -2.78 9.67 -18.44
C VAL A 326 -3.20 8.51 -19.33
N LEU A 327 -3.13 8.73 -20.64
CA LEU A 327 -3.63 7.76 -21.59
C LEU A 327 -2.56 6.82 -22.10
N CYS A 328 -2.99 5.71 -22.70
CA CYS A 328 -2.09 4.78 -23.39
C CYS A 328 -1.42 5.52 -24.54
N SER A 329 -0.10 5.40 -24.62
CA SER A 329 0.70 6.12 -25.62
C SER A 329 1.34 5.20 -26.66
N CYS A 330 0.97 3.93 -26.69
CA CYS A 330 1.60 2.99 -27.62
C CYS A 330 0.63 2.40 -28.64
N ARG A 331 -0.68 2.64 -28.49
CA ARG A 331 -1.68 2.19 -29.49
C ARG A 331 -2.50 3.38 -29.98
N LYS A 332 -2.83 3.37 -31.28
CA LYS A 332 -3.57 4.47 -31.89
C LYS A 332 -5.08 4.28 -31.72
N ASP A 333 -5.47 3.05 -31.45
CA ASP A 333 -6.86 2.62 -31.28
C ASP A 333 -7.55 3.21 -30.02
N MET A 334 -6.76 3.55 -29.01
CA MET A 334 -7.24 3.88 -27.68
C MET A 334 -8.23 5.07 -27.60
N VAL A 335 -8.98 5.10 -26.51
CA VAL A 335 -10.07 6.04 -26.32
C VAL A 335 -9.62 7.38 -25.76
N LYS A 336 -9.88 8.44 -26.52
CA LYS A 336 -9.56 9.79 -26.11
C LYS A 336 -10.76 10.68 -26.37
N ILE A 337 -11.21 11.34 -25.31
CA ILE A 337 -12.32 12.27 -25.37
C ILE A 337 -11.76 13.68 -25.26
N SER A 338 -12.16 14.57 -26.16
CA SER A 338 -11.77 15.98 -26.09
C SER A 338 -12.40 16.67 -24.88
N MET A 339 -11.56 17.23 -24.00
CA MET A 339 -12.03 17.85 -22.75
C MET A 339 -12.53 19.28 -22.95
N ASP A 340 -12.24 19.86 -24.11
CA ASP A 340 -12.45 21.28 -24.39
C ASP A 340 -13.87 21.78 -24.08
N VAL A 341 -14.87 21.10 -24.63
CA VAL A 341 -16.27 21.45 -24.42
C VAL A 341 -16.69 21.42 -22.95
N PHE A 342 -16.11 20.50 -22.17
CA PHE A 342 -16.41 20.40 -20.74
C PHE A 342 -15.83 21.58 -19.95
N VAL A 343 -14.60 21.97 -20.28
CA VAL A 343 -13.92 23.06 -19.59
C VAL A 343 -14.54 24.42 -19.93
N ARG A 344 -15.08 24.56 -21.15
CA ARG A 344 -15.76 25.79 -21.54
C ARG A 344 -17.12 25.90 -20.82
N LYS A 345 -17.90 24.83 -20.83
CA LYS A 345 -19.21 24.90 -20.21
C LYS A 345 -19.19 24.94 -18.69
N PHE A 346 -18.30 24.18 -18.03
CA PHE A 346 -18.33 24.09 -16.56
C PHE A 346 -17.14 24.73 -15.83
N GLN A 347 -16.06 25.06 -16.51
CA GLN A 347 -14.96 25.78 -15.86
C GLN A 347 -14.45 26.97 -16.65
N PRO A 348 -15.37 27.85 -17.11
CA PRO A 348 -15.02 28.87 -18.10
C PRO A 348 -13.90 29.79 -17.66
N GLU A 349 -13.81 30.04 -16.36
CA GLU A 349 -12.79 30.94 -15.84
C GLU A 349 -11.43 30.29 -15.79
N ARG A 350 -11.37 28.97 -15.99
CA ARG A 350 -10.07 28.29 -16.02
C ARG A 350 -9.62 27.99 -17.45
N TYR A 351 -10.48 28.28 -18.44
CA TYR A 351 -10.26 27.83 -19.81
C TYR A 351 -8.99 28.40 -20.44
N LYS A 352 -8.78 29.69 -20.30
CA LYS A 352 -7.57 30.31 -20.83
C LYS A 352 -6.34 29.77 -20.12
N LEU A 353 -6.43 29.58 -18.80
CA LEU A 353 -5.32 29.03 -18.05
C LEU A 353 -5.03 27.61 -18.50
N TRP A 354 -6.08 26.82 -18.63
CA TRP A 354 -5.95 25.41 -18.99
C TRP A 354 -5.37 25.23 -20.38
N LYS A 355 -5.95 25.94 -21.35
CA LYS A 355 -5.52 25.86 -22.75
C LYS A 355 -4.10 26.38 -22.96
N ALA A 356 -3.60 27.13 -21.99
CA ALA A 356 -2.25 27.69 -22.05
C ALA A 356 -1.28 26.89 -21.18
N GLY A 357 -1.77 25.82 -20.55
CA GLY A 357 -0.94 24.91 -19.79
C GLY A 357 -0.54 25.41 -18.42
N LYS A 358 -1.37 26.26 -17.81
CA LYS A 358 -1.02 26.87 -16.54
C LYS A 358 -1.98 26.48 -15.42
N ASP A 359 -2.87 25.54 -15.70
CA ASP A 359 -3.86 25.07 -14.71
C ASP A 359 -3.23 24.02 -13.79
N ASN A 360 -2.77 24.47 -12.63
CA ASN A 360 -2.00 23.63 -11.72
C ASN A 360 -2.86 22.94 -10.67
N THR A 361 -4.16 22.88 -10.90
CA THR A 361 -5.11 22.33 -9.94
C THR A 361 -4.78 20.90 -9.48
N VAL A 362 -4.71 20.73 -8.16
CA VAL A 362 -4.49 19.41 -7.59
C VAL A 362 -5.84 18.81 -7.23
N ILE A 363 -5.99 17.51 -7.47
CA ILE A 363 -7.24 16.79 -7.18
C ILE A 363 -7.32 16.25 -5.74
N ASP A 364 -8.41 16.56 -5.05
CA ASP A 364 -8.74 15.97 -3.74
C ASP A 364 -9.76 14.86 -3.94
N HIS A 365 -9.29 13.63 -3.83
CA HIS A 365 -10.14 12.46 -4.06
C HIS A 365 -11.27 12.30 -3.06
N THR A 366 -11.21 13.06 -1.97
CA THR A 366 -12.19 12.92 -0.89
C THR A 366 -13.43 13.80 -1.09
N LEU A 367 -13.27 14.94 -1.76
CA LEU A 367 -14.43 15.83 -1.97
C LEU A 367 -15.47 15.14 -2.83
N PRO A 368 -16.75 15.25 -2.44
CA PRO A 368 -17.87 14.82 -3.30
C PRO A 368 -18.11 15.77 -4.48
N THR A 369 -18.75 15.27 -5.53
CA THR A 369 -19.14 16.09 -6.67
C THR A 369 -20.02 17.25 -6.20
N PRO A 370 -19.97 18.40 -6.91
CA PRO A 370 -20.78 19.57 -6.56
C PRO A 370 -22.27 19.30 -6.39
N GLU A 371 -22.82 18.39 -7.18
CA GLU A 371 -24.27 18.09 -7.17
C GLU A 371 -24.75 17.58 -5.80
N ALA A 372 -23.79 17.28 -4.93
CA ALA A 372 -24.09 16.73 -3.60
C ALA A 372 -24.42 17.82 -2.59
N ALA A 373 -24.45 19.08 -3.04
CA ALA A 373 -24.59 20.22 -2.14
C ALA A 373 -25.90 20.15 -1.35
N GLU A 374 -26.97 19.77 -2.04
CA GLU A 374 -28.31 19.63 -1.44
C GLU A 374 -28.42 18.57 -0.34
N PHE A 375 -27.39 17.74 -0.19
CA PHE A 375 -27.37 16.70 0.85
C PHE A 375 -26.42 17.05 1.99
N LEU A 376 -25.60 18.08 1.79
CA LEU A 376 -24.67 18.53 2.83
C LEU A 376 -24.99 19.96 3.28
N ASN B 31 12.51 -9.91 -4.14
CA ASN B 31 11.92 -8.72 -4.71
C ASN B 31 12.92 -7.65 -5.18
N PRO B 32 13.01 -7.47 -6.51
CA PRO B 32 14.06 -6.79 -7.27
C PRO B 32 13.98 -5.28 -7.20
N SER B 33 12.89 -4.77 -6.64
CA SER B 33 12.74 -3.35 -6.46
C SER B 33 13.19 -2.97 -5.04
N ALA B 34 13.47 -4.01 -4.24
CA ALA B 34 13.88 -3.86 -2.83
C ALA B 34 12.95 -2.92 -2.07
N ARG B 35 11.66 -3.25 -2.09
CA ARG B 35 10.63 -2.42 -1.46
C ARG B 35 10.19 -3.00 -0.13
N ILE B 36 9.69 -2.13 0.74
CA ILE B 36 9.30 -2.55 2.08
C ILE B 36 8.08 -3.46 2.03
N MET B 37 8.22 -4.67 2.59
CA MET B 37 7.12 -5.63 2.66
C MET B 37 6.46 -5.70 4.03
N THR B 38 5.18 -6.05 4.03
CA THR B 38 4.35 -6.16 5.22
C THR B 38 3.91 -7.60 5.40
N PHE B 39 3.83 -8.09 6.63
CA PHE B 39 3.50 -9.48 6.88
C PHE B 39 2.41 -9.62 7.91
N TYR B 40 1.58 -10.64 7.75
CA TYR B 40 0.43 -10.87 8.62
C TYR B 40 0.46 -12.29 9.20
N PRO B 41 1.32 -12.51 10.20
CA PRO B 41 1.46 -13.87 10.75
C PRO B 41 0.20 -14.35 11.45
N THR B 42 -0.10 -15.65 11.34
CA THR B 42 -1.11 -16.28 12.19
C THR B 42 -0.54 -16.41 13.60
N MET B 43 -1.34 -16.79 14.58
CA MET B 43 -0.77 -16.87 15.91
C MET B 43 0.07 -18.12 16.11
N GLU B 44 -0.25 -19.20 15.40
CA GLU B 44 0.65 -20.34 15.39
C GLU B 44 1.97 -19.93 14.75
N GLU B 45 1.89 -18.99 13.81
CA GLU B 45 3.10 -18.51 13.15
C GLU B 45 3.87 -17.52 14.03
N PHE B 46 3.13 -16.83 14.89
CA PHE B 46 3.67 -15.80 15.76
C PHE B 46 4.43 -16.36 16.97
N ARG B 47 4.26 -17.65 17.24
CA ARG B 47 4.86 -18.27 18.43
C ARG B 47 6.39 -18.24 18.44
N ASN B 48 7.02 -18.67 17.34
CA ASN B 48 8.49 -18.77 17.27
C ASN B 48 9.11 -17.57 16.53
N PHE B 49 9.77 -16.69 17.28
CA PHE B 49 10.24 -15.41 16.74
C PHE B 49 11.35 -15.56 15.69
N SER B 50 12.40 -16.32 16.01
CA SER B 50 13.49 -16.53 15.05
C SER B 50 13.03 -17.23 13.78
N ARG B 51 12.08 -18.12 13.92
CA ARG B 51 11.61 -18.86 12.75
C ARG B 51 10.89 -17.91 11.80
N TYR B 52 10.15 -16.94 12.35
CA TYR B 52 9.42 -16.03 11.47
C TYR B 52 10.37 -15.07 10.77
N ILE B 53 11.40 -14.59 11.48
CA ILE B 53 12.40 -13.73 10.84
C ILE B 53 13.01 -14.50 9.67
N ALA B 54 13.39 -15.75 9.92
CA ALA B 54 13.88 -16.59 8.84
C ALA B 54 12.82 -16.73 7.75
N TYR B 55 11.53 -16.78 8.12
CA TYR B 55 10.50 -16.88 7.08
C TYR B 55 10.43 -15.64 6.22
N ILE B 56 10.43 -14.44 6.82
CA ILE B 56 10.29 -13.27 5.98
C ILE B 56 11.56 -13.00 5.17
N GLU B 57 12.72 -13.44 5.65
CA GLU B 57 13.93 -13.32 4.85
C GLU B 57 13.85 -14.23 3.62
N SER B 58 13.21 -15.38 3.78
CA SER B 58 13.05 -16.28 2.63
C SER B 58 12.14 -15.63 1.58
N GLN B 59 11.31 -14.68 2.02
CA GLN B 59 10.45 -13.91 1.13
C GLN B 59 11.14 -12.66 0.57
N GLY B 60 12.37 -12.41 1.00
CA GLY B 60 13.16 -11.31 0.46
C GLY B 60 12.97 -9.97 1.18
N ALA B 61 12.38 -10.01 2.36
CA ALA B 61 12.10 -8.78 3.12
C ALA B 61 13.36 -7.98 3.47
N HIS B 62 14.48 -8.69 3.66
CA HIS B 62 15.71 -8.05 4.11
C HIS B 62 16.30 -7.11 3.08
N ARG B 63 15.97 -7.31 1.81
CA ARG B 63 16.58 -6.52 0.76
C ARG B 63 16.24 -5.04 0.87
N ALA B 64 15.06 -4.74 1.38
CA ALA B 64 14.62 -3.36 1.58
C ALA B 64 15.28 -2.69 2.77
N GLY B 65 15.89 -3.50 3.64
CA GLY B 65 16.49 -3.02 4.88
C GLY B 65 15.50 -2.84 6.02
N LEU B 66 14.22 -3.06 5.74
CA LEU B 66 13.15 -2.73 6.69
C LEU B 66 11.86 -3.49 6.33
N ALA B 67 11.16 -4.02 7.34
CA ALA B 67 9.91 -4.74 7.09
C ALA B 67 8.89 -4.41 8.15
N LYS B 68 7.60 -4.45 7.80
CA LYS B 68 6.59 -4.29 8.80
C LYS B 68 5.95 -5.65 9.12
N VAL B 69 5.62 -5.87 10.39
CA VAL B 69 4.89 -7.07 10.82
C VAL B 69 3.67 -6.67 11.67
N VAL B 70 2.48 -7.03 11.18
CA VAL B 70 1.24 -6.78 11.91
C VAL B 70 0.88 -8.04 12.69
N PRO B 71 0.75 -7.91 14.02
CA PRO B 71 0.48 -9.08 14.86
C PRO B 71 -0.99 -9.55 14.80
N PRO B 72 -1.23 -10.84 15.06
CA PRO B 72 -2.57 -11.42 15.13
C PRO B 72 -3.50 -10.55 15.98
N LYS B 73 -4.77 -10.46 15.59
CA LYS B 73 -5.74 -9.64 16.30
C LYS B 73 -5.86 -10.12 17.74
N GLU B 74 -5.55 -11.40 17.95
CA GLU B 74 -5.69 -12.03 19.26
C GLU B 74 -4.60 -11.63 20.26
N TRP B 75 -3.51 -11.06 19.76
CA TRP B 75 -2.36 -10.76 20.62
C TRP B 75 -2.43 -9.34 21.20
N LYS B 76 -1.97 -9.18 22.43
CA LYS B 76 -1.83 -7.86 23.06
C LYS B 76 -0.75 -7.98 24.13
N PRO B 77 0.22 -7.04 24.14
CA PRO B 77 1.38 -7.10 25.03
C PRO B 77 1.08 -6.65 26.46
N ARG B 78 0.04 -5.83 26.60
CA ARG B 78 -0.34 -5.30 27.89
C ARG B 78 -1.84 -4.99 27.85
N ALA B 79 -2.53 -5.27 28.96
CA ALA B 79 -3.98 -5.10 29.06
C ALA B 79 -4.42 -3.66 28.95
N SER B 80 -3.80 -2.78 29.74
CA SER B 80 -4.13 -1.36 29.75
C SER B 80 -2.86 -0.51 29.90
N TYR B 81 -2.84 0.64 29.23
CA TYR B 81 -1.71 1.58 29.34
C TYR B 81 -2.05 2.76 30.24
N ASP B 82 -3.16 2.69 30.96
CA ASP B 82 -3.64 3.84 31.73
C ASP B 82 -2.96 3.98 33.10
N ASP B 83 -2.01 3.10 33.41
CA ASP B 83 -1.34 3.12 34.72
C ASP B 83 0.16 3.47 34.67
N ILE B 84 0.57 4.25 33.67
CA ILE B 84 1.99 4.55 33.52
C ILE B 84 2.30 6.03 33.62
N ASP B 85 1.31 6.82 34.02
CA ASP B 85 1.44 8.28 34.02
C ASP B 85 2.52 8.87 34.92
N ASP B 86 3.10 8.06 35.82
CA ASP B 86 4.17 8.57 36.66
C ASP B 86 5.49 7.84 36.41
N LEU B 87 5.52 7.05 35.35
CA LEU B 87 6.77 6.57 34.78
C LEU B 87 7.65 7.79 34.55
N VAL B 88 8.93 7.66 34.88
CA VAL B 88 9.85 8.79 34.78
C VAL B 88 10.68 8.71 33.51
N ILE B 89 10.75 9.83 32.80
CA ILE B 89 11.64 9.96 31.66
C ILE B 89 12.94 10.66 32.14
N PRO B 90 13.98 9.87 32.43
CA PRO B 90 15.15 10.36 33.15
C PRO B 90 15.90 11.47 32.41
N ALA B 91 16.03 11.33 31.09
CA ALA B 91 16.84 12.27 30.32
C ALA B 91 16.17 12.67 29.02
N PRO B 92 15.17 13.56 29.09
CA PRO B 92 14.51 14.08 27.88
C PRO B 92 15.51 14.82 27.01
N ILE B 93 15.18 15.01 25.74
CA ILE B 93 16.12 15.53 24.76
C ILE B 93 15.40 16.55 23.89
N GLN B 94 15.80 17.81 23.98
CA GLN B 94 15.30 18.79 23.03
C GLN B 94 16.14 18.69 21.75
N GLN B 95 15.48 18.58 20.60
CA GLN B 95 16.14 18.33 19.33
C GLN B 95 16.25 19.61 18.51
N LEU B 96 17.42 20.24 18.60
CA LEU B 96 17.72 21.47 17.84
C LEU B 96 18.30 21.07 16.49
N VAL B 97 17.82 21.70 15.43
CA VAL B 97 18.22 21.32 14.08
C VAL B 97 18.63 22.55 13.28
N THR B 98 19.82 22.47 12.68
CA THR B 98 20.32 23.52 11.81
C THR B 98 20.59 22.96 10.43
N GLY B 99 20.14 23.65 9.38
CA GLY B 99 20.44 23.18 8.04
C GLY B 99 19.62 23.84 6.95
N GLN B 100 19.84 23.40 5.72
CA GLN B 100 19.15 23.95 4.57
C GLN B 100 19.19 23.00 3.38
N SER B 101 18.30 23.23 2.44
CA SER B 101 18.20 22.50 1.18
C SER B 101 18.39 20.99 1.40
N GLY B 102 17.60 20.43 2.31
CA GLY B 102 17.56 19.00 2.52
C GLY B 102 18.61 18.35 3.39
N LEU B 103 19.65 19.11 3.79
CA LEU B 103 20.74 18.59 4.63
C LEU B 103 20.71 19.26 5.99
N PHE B 104 20.70 18.46 7.05
CA PHE B 104 20.53 19.02 8.38
C PHE B 104 21.43 18.32 9.43
N THR B 105 21.82 19.07 10.46
CA THR B 105 22.51 18.49 11.62
C THR B 105 21.63 18.72 12.83
N GLN B 106 21.46 17.67 13.62
CA GLN B 106 20.57 17.68 14.75
C GLN B 106 21.35 17.65 16.06
N TYR B 107 21.14 18.64 16.91
CA TYR B 107 21.82 18.68 18.21
C TYR B 107 20.88 18.24 19.33
N ASN B 108 21.28 17.18 20.03
CA ASN B 108 20.43 16.54 21.01
C ASN B 108 20.79 16.96 22.42
N ILE B 109 20.20 18.09 22.82
CA ILE B 109 20.40 18.74 24.12
C ILE B 109 19.55 18.19 25.29
N GLN B 110 20.23 17.67 26.30
CA GLN B 110 19.57 17.05 27.43
C GLN B 110 18.92 18.06 28.40
N LYS B 111 17.73 17.71 28.88
CA LYS B 111 16.97 18.58 29.77
C LYS B 111 16.60 17.85 31.06
N LYS B 112 15.94 18.56 31.97
CA LYS B 112 15.62 17.98 33.28
C LYS B 112 14.55 16.88 33.17
N ALA B 113 14.64 15.89 34.05
CA ALA B 113 13.76 14.74 34.00
C ALA B 113 12.29 15.11 34.18
N MET B 114 11.42 14.22 33.72
CA MET B 114 9.99 14.46 33.82
C MET B 114 9.22 13.16 33.71
N THR B 115 7.95 13.20 34.09
CA THR B 115 7.10 12.03 34.03
C THR B 115 6.39 11.96 32.68
N VAL B 116 5.89 10.77 32.34
CA VAL B 116 5.03 10.62 31.18
C VAL B 116 3.86 11.61 31.14
N ARG B 117 3.17 11.81 32.27
CA ARG B 117 2.05 12.77 32.29
C ARG B 117 2.50 14.18 31.98
N GLU B 118 3.63 14.60 32.53
CA GLU B 118 4.18 15.92 32.20
C GLU B 118 4.55 16.01 30.72
N PHE B 119 5.11 14.92 30.20
CA PHE B 119 5.54 14.87 28.80
C PHE B 119 4.33 14.91 27.87
N ARG B 120 3.30 14.13 28.21
CA ARG B 120 2.08 14.09 27.41
C ARG B 120 1.43 15.46 27.33
N LYS B 121 1.47 16.19 28.43
CA LYS B 121 0.88 17.51 28.49
C LYS B 121 1.58 18.45 27.53
N ILE B 122 2.90 18.34 27.46
CA ILE B 122 3.65 19.17 26.51
C ILE B 122 3.35 18.72 25.08
N ALA B 123 3.32 17.42 24.88
CA ALA B 123 3.13 16.87 23.54
C ALA B 123 1.78 17.28 22.98
N ASN B 124 0.74 17.28 23.82
CA ASN B 124 -0.62 17.57 23.34
C ASN B 124 -1.00 19.05 23.35
N SER B 125 -0.18 19.89 23.97
CA SER B 125 -0.42 21.34 24.02
C SER B 125 -0.45 22.00 22.64
N ASP B 126 -0.95 23.22 22.57
CA ASP B 126 -1.20 23.87 21.28
C ASP B 126 0.06 24.16 20.50
N LYS B 127 1.15 24.32 21.22
CA LYS B 127 2.42 24.77 20.64
C LYS B 127 3.14 23.58 19.98
N TYR B 128 2.94 22.39 20.54
CA TYR B 128 3.69 21.20 20.16
C TYR B 128 2.86 20.08 19.52
N CYS B 129 1.55 20.28 19.45
CA CYS B 129 0.67 19.25 18.90
C CYS B 129 0.81 19.14 17.39
N THR B 130 0.46 17.97 16.86
CA THR B 130 0.38 17.70 15.43
C THR B 130 -0.46 18.77 14.70
N PRO B 131 0.02 19.22 13.53
CA PRO B 131 -0.81 20.16 12.76
C PRO B 131 -1.88 19.45 11.93
N ARG B 132 -2.76 20.23 11.29
CA ARG B 132 -3.80 19.67 10.43
C ARG B 132 -3.21 19.07 9.17
N TYR B 133 -3.78 17.97 8.71
CA TYR B 133 -3.35 17.39 7.45
C TYR B 133 -4.40 16.47 6.85
N SER B 134 -4.36 16.36 5.53
CA SER B 134 -5.28 15.48 4.79
C SER B 134 -4.66 14.10 4.64
N GLU B 135 -3.41 14.08 4.20
CA GLU B 135 -2.73 12.86 3.82
C GLU B 135 -1.36 12.81 4.48
N PHE B 136 -0.79 11.62 4.55
CA PHE B 136 0.55 11.47 5.08
C PHE B 136 1.54 12.28 4.23
N GLU B 137 1.28 12.40 2.93
CA GLU B 137 2.15 13.17 2.06
C GLU B 137 2.19 14.63 2.47
N GLU B 138 1.13 15.12 3.10
CA GLU B 138 1.09 16.53 3.47
C GLU B 138 1.82 16.73 4.81
N LEU B 139 1.63 15.79 5.73
CA LEU B 139 2.34 15.84 7.00
C LEU B 139 3.86 15.75 6.73
N GLU B 140 4.25 14.85 5.84
CA GLU B 140 5.65 14.72 5.43
C GLU B 140 6.23 16.06 4.95
N ARG B 141 5.48 16.77 4.12
CA ARG B 141 5.86 18.10 3.66
C ARG B 141 6.00 19.06 4.84
N LYS B 142 5.04 19.04 5.75
CA LYS B 142 5.11 19.93 6.91
C LYS B 142 6.35 19.66 7.76
N TYR B 143 6.75 18.39 7.87
CA TYR B 143 7.93 18.02 8.66
C TYR B 143 9.22 18.61 8.06
N TRP B 144 9.48 18.32 6.79
CA TRP B 144 10.69 18.78 6.12
C TRP B 144 10.74 20.30 5.93
N LYS B 145 9.62 20.96 6.12
CA LYS B 145 9.56 22.41 5.98
C LYS B 145 9.77 23.12 7.33
N ASN B 146 9.31 22.52 8.42
CA ASN B 146 9.39 23.13 9.74
C ASN B 146 10.33 22.41 10.72
N LEU B 147 11.13 21.51 10.15
CA LEU B 147 12.16 20.74 10.86
C LEU B 147 12.97 21.57 11.86
N THR B 148 13.48 22.70 11.38
CA THR B 148 14.37 23.53 12.17
C THR B 148 13.65 24.54 13.08
N PHE B 149 12.33 24.59 13.04
CA PHE B 149 11.59 25.57 13.87
C PHE B 149 11.04 24.88 15.10
N ASN B 150 10.85 25.64 16.18
CA ASN B 150 10.13 25.16 17.37
C ASN B 150 10.55 23.78 17.87
N PRO B 151 11.78 23.65 18.38
CA PRO B 151 12.36 22.34 18.73
C PRO B 151 11.54 21.50 19.72
N PRO B 152 11.20 20.28 19.29
CA PRO B 152 10.39 19.37 20.11
C PRO B 152 11.22 18.68 21.19
N ILE B 153 10.56 17.92 22.06
CA ILE B 153 11.27 17.19 23.08
C ILE B 153 11.02 15.72 22.83
N TYR B 154 12.04 14.89 23.03
CA TYR B 154 11.93 13.47 22.73
C TYR B 154 12.31 12.68 23.97
N GLY B 155 11.38 11.89 24.48
CA GLY B 155 11.65 11.03 25.64
C GLY B 155 12.28 9.75 25.21
N ALA B 156 13.51 9.85 24.68
CA ALA B 156 14.21 8.71 24.10
C ALA B 156 15.08 7.95 25.10
N ASP B 157 15.37 6.70 24.75
CA ASP B 157 16.37 5.88 25.47
C ASP B 157 16.03 5.61 26.94
N VAL B 158 14.75 5.33 27.22
CA VAL B 158 14.36 5.01 28.59
C VAL B 158 14.44 3.52 28.80
N ASN B 159 15.24 3.07 29.76
CA ASN B 159 15.26 1.65 30.12
C ASN B 159 13.90 1.24 30.68
N GLY B 160 13.33 0.18 30.10
CA GLY B 160 12.00 -0.22 30.47
C GLY B 160 11.31 -1.03 29.40
N THR B 161 10.35 -1.84 29.84
CA THR B 161 9.47 -2.57 28.96
C THR B 161 8.05 -2.25 29.42
N LEU B 162 7.09 -2.31 28.50
CA LEU B 162 5.70 -2.16 28.90
C LEU B 162 4.95 -3.46 28.75
N TYR B 163 5.66 -4.52 28.35
CA TYR B 163 5.06 -5.84 28.28
C TYR B 163 4.78 -6.36 29.69
N GLU B 164 3.62 -7.01 29.86
CA GLU B 164 3.34 -7.73 31.09
C GLU B 164 4.14 -9.02 31.07
N LYS B 165 4.50 -9.50 32.25
CA LYS B 165 5.53 -10.52 32.37
C LYS B 165 5.10 -11.86 31.79
N HIS B 166 3.81 -12.06 31.59
CA HIS B 166 3.36 -13.38 31.12
C HIS B 166 3.42 -13.54 29.59
N VAL B 167 3.62 -12.42 28.87
CA VAL B 167 3.59 -12.42 27.41
C VAL B 167 4.81 -13.13 26.82
N ASP B 168 4.60 -14.18 26.04
CA ASP B 168 5.71 -15.03 25.61
C ASP B 168 6.11 -14.86 24.14
N GLU B 169 5.20 -14.39 23.31
CA GLU B 169 5.52 -14.27 21.89
C GLU B 169 5.94 -12.84 21.54
N TRP B 170 7.12 -12.73 20.92
CA TRP B 170 7.65 -11.45 20.46
C TRP B 170 7.83 -10.47 21.61
N ASN B 171 8.14 -11.03 22.77
CA ASN B 171 8.48 -10.23 23.94
C ASN B 171 9.85 -9.57 23.72
N ILE B 172 9.87 -8.25 23.63
CA ILE B 172 11.08 -7.53 23.23
C ILE B 172 12.15 -7.63 24.32
N GLY B 173 11.73 -7.95 25.54
CA GLY B 173 12.68 -8.17 26.63
C GLY B 173 13.42 -9.49 26.54
N ARG B 174 12.77 -10.50 26.00
CA ARG B 174 13.34 -11.85 25.91
C ARG B 174 13.02 -12.49 24.55
N LEU B 175 13.73 -12.09 23.49
CA LEU B 175 13.46 -12.61 22.15
C LEU B 175 14.19 -13.94 21.92
N ARG B 176 15.19 -14.21 22.76
CA ARG B 176 15.98 -15.44 22.72
C ARG B 176 16.61 -15.69 21.34
N THR B 177 17.42 -14.75 20.87
CA THR B 177 18.17 -14.94 19.64
C THR B 177 19.64 -15.16 20.01
N ILE B 178 20.47 -15.49 19.02
CA ILE B 178 21.89 -15.74 19.29
C ILE B 178 22.64 -14.51 19.81
N LEU B 179 21.97 -13.36 19.84
CA LEU B 179 22.55 -12.16 20.45
C LEU B 179 22.81 -12.39 21.95
N ASP B 180 22.01 -13.25 22.56
CA ASP B 180 22.14 -13.58 23.98
C ASP B 180 23.49 -14.12 24.42
N LEU B 181 24.28 -14.62 23.48
CA LEU B 181 25.67 -15.02 23.77
C LEU B 181 26.49 -13.90 24.39
N VAL B 182 26.05 -12.66 24.24
CA VAL B 182 26.70 -11.53 24.90
C VAL B 182 26.42 -11.57 26.40
N GLU B 183 25.28 -12.14 26.76
CA GLU B 183 24.90 -12.26 28.16
C GLU B 183 25.06 -13.70 28.68
N LYS B 184 24.60 -14.66 27.91
CA LYS B 184 24.59 -16.08 28.30
C LYS B 184 25.98 -16.73 28.24
N GLU B 185 27.00 -15.93 27.89
CA GLU B 185 28.37 -16.41 27.84
C GLU B 185 29.36 -15.23 27.86
N SER B 186 29.03 -14.18 28.62
CA SER B 186 29.91 -13.04 28.82
C SER B 186 29.40 -12.16 29.97
N GLY B 187 28.10 -12.21 30.21
CA GLY B 187 27.50 -11.40 31.25
C GLY B 187 27.56 -9.91 30.96
N ILE B 188 27.86 -9.57 29.72
CA ILE B 188 27.93 -8.17 29.30
C ILE B 188 26.53 -7.66 28.99
N THR B 189 26.11 -6.61 29.68
CA THR B 189 24.77 -6.07 29.50
C THR B 189 24.84 -4.70 28.82
N ILE B 190 24.34 -4.65 27.59
CA ILE B 190 24.39 -3.41 26.83
C ILE B 190 23.01 -2.76 26.70
N GLU B 191 22.85 -1.65 27.41
CA GLU B 191 21.59 -0.91 27.47
C GLU B 191 21.00 -0.58 26.10
N GLY B 192 19.77 -1.05 25.87
CA GLY B 192 19.09 -0.81 24.60
C GLY B 192 19.52 -1.75 23.48
N VAL B 193 20.58 -2.51 23.69
CA VAL B 193 21.08 -3.41 22.65
C VAL B 193 20.60 -4.83 22.91
N ASN B 194 20.78 -5.31 24.14
CA ASN B 194 20.16 -6.57 24.56
C ASN B 194 19.19 -6.36 25.72
N THR B 195 18.88 -5.10 26.00
CA THR B 195 17.78 -4.78 26.92
C THR B 195 16.84 -3.80 26.22
N PRO B 196 15.59 -3.70 26.71
CA PRO B 196 14.67 -2.87 25.95
C PRO B 196 14.81 -1.38 26.26
N TYR B 197 14.44 -0.55 25.30
CA TYR B 197 14.41 0.91 25.44
C TYR B 197 13.00 1.39 25.12
N LEU B 198 12.58 2.48 25.75
CA LEU B 198 11.28 3.07 25.46
C LEU B 198 11.49 4.43 24.84
N TYR B 199 10.63 4.78 23.89
CA TYR B 199 10.73 6.07 23.23
C TYR B 199 9.40 6.77 23.28
N PHE B 200 9.33 7.89 23.98
CA PHE B 200 8.11 8.68 23.99
C PHE B 200 8.29 9.86 23.06
N GLY B 201 7.59 9.84 21.94
CA GLY B 201 7.73 10.91 20.97
C GLY B 201 6.58 11.90 20.95
N MET B 202 6.79 13.02 20.26
CA MET B 202 5.75 13.99 19.96
C MET B 202 5.94 14.46 18.52
N TRP B 203 5.06 15.33 18.04
CA TRP B 203 5.12 15.82 16.67
C TRP B 203 6.52 16.30 16.36
N LYS B 204 7.08 15.82 15.24
CA LYS B 204 8.31 16.33 14.67
C LYS B 204 9.59 15.79 15.36
N THR B 205 9.48 14.93 16.38
CA THR B 205 10.70 14.32 16.91
C THR B 205 11.23 13.31 15.88
N SER B 206 12.56 13.18 15.80
CA SER B 206 13.20 12.49 14.69
C SER B 206 14.24 11.49 15.14
N PHE B 207 14.44 10.46 14.32
CA PHE B 207 15.67 9.70 14.44
C PHE B 207 16.45 9.88 13.14
N ALA B 208 17.71 10.29 13.27
CA ALA B 208 18.56 10.57 12.12
C ALA B 208 18.99 9.29 11.38
N TRP B 209 19.61 9.44 10.22
CA TRP B 209 20.08 8.29 9.42
C TRP B 209 21.18 7.49 10.11
N HIS B 210 20.94 6.19 10.30
CA HIS B 210 21.89 5.31 10.96
C HIS B 210 21.61 3.85 10.65
N THR B 211 22.61 3.00 10.82
CA THR B 211 22.39 1.57 11.03
C THR B 211 22.44 1.27 12.54
N GLU B 212 22.12 0.04 12.94
CA GLU B 212 22.18 -0.32 14.36
C GLU B 212 23.63 -0.58 14.79
N ASP B 213 23.90 -0.55 16.10
CA ASP B 213 25.23 -0.87 16.62
C ASP B 213 25.68 -2.25 16.09
N MET B 214 26.95 -2.38 15.73
CA MET B 214 27.50 -3.60 15.16
C MET B 214 26.68 -4.09 13.97
N ASP B 215 25.92 -3.16 13.39
CA ASP B 215 25.07 -3.47 12.24
C ASP B 215 24.13 -4.63 12.54
N LEU B 216 23.64 -4.66 13.77
CA LEU B 216 22.67 -5.66 14.21
C LEU B 216 21.29 -5.47 13.54
N TYR B 217 20.39 -6.42 13.78
CA TYR B 217 18.97 -6.22 13.50
C TYR B 217 18.38 -5.35 14.58
N SER B 218 17.20 -4.83 14.28
CA SER B 218 16.42 -4.02 15.19
C SER B 218 14.97 -4.50 15.19
N ILE B 219 14.29 -4.32 16.31
CA ILE B 219 12.85 -4.53 16.34
C ILE B 219 12.22 -3.35 17.08
N ASN B 220 11.06 -2.89 16.59
CA ASN B 220 10.43 -1.71 17.16
C ASN B 220 8.94 -1.97 17.25
N TYR B 221 8.36 -1.82 18.44
CA TYR B 221 6.92 -1.98 18.57
C TYR B 221 6.31 -0.67 19.02
N LEU B 222 5.21 -0.25 18.38
CA LEU B 222 4.49 0.98 18.75
C LEU B 222 3.30 0.66 19.67
N HIS B 223 3.43 1.00 20.95
CA HIS B 223 2.42 0.60 21.92
C HIS B 223 1.14 1.40 21.73
N PHE B 224 1.29 2.70 21.54
CA PHE B 224 0.11 3.56 21.44
C PHE B 224 0.44 4.91 20.87
N GLY B 225 -0.58 5.67 20.48
CA GLY B 225 -0.39 7.05 20.07
C GLY B 225 -0.37 7.21 18.57
N GLU B 226 0.09 8.37 18.12
CA GLU B 226 0.11 8.71 16.72
C GLU B 226 1.19 7.91 15.98
N PRO B 227 1.08 7.83 14.64
CA PRO B 227 2.01 6.96 13.90
C PRO B 227 3.48 7.40 13.91
N LYS B 228 4.34 6.51 13.43
CA LYS B 228 5.76 6.80 13.28
C LYS B 228 6.15 6.52 11.83
N SER B 229 6.71 7.50 11.13
CA SER B 229 7.06 7.29 9.72
C SER B 229 8.56 7.01 9.50
N TRP B 230 8.83 6.06 8.61
CA TRP B 230 10.17 5.54 8.39
C TRP B 230 10.63 5.73 6.94
N TYR B 231 11.90 6.11 6.78
CA TYR B 231 12.61 6.02 5.51
C TYR B 231 13.68 4.95 5.62
N SER B 232 13.95 4.27 4.52
CA SER B 232 14.92 3.20 4.52
C SER B 232 15.74 3.17 3.23
N VAL B 233 16.98 2.70 3.30
CA VAL B 233 17.83 2.53 2.12
C VAL B 233 18.32 1.07 2.06
N PRO B 234 18.11 0.38 0.93
CA PRO B 234 18.52 -1.04 0.89
C PRO B 234 19.98 -1.22 1.26
N PRO B 235 20.29 -2.27 2.03
CA PRO B 235 21.68 -2.58 2.37
C PRO B 235 22.59 -2.59 1.15
N GLU B 236 22.13 -3.14 0.02
CA GLU B 236 22.97 -3.16 -1.17
C GLU B 236 23.19 -1.78 -1.77
N HIS B 237 22.54 -0.74 -1.23
CA HIS B 237 22.85 0.61 -1.68
C HIS B 237 23.31 1.50 -0.54
N GLY B 238 23.54 0.89 0.62
CA GLY B 238 24.01 1.62 1.78
C GLY B 238 25.27 2.43 1.53
N LYS B 239 26.24 1.83 0.83
CA LYS B 239 27.52 2.50 0.60
C LYS B 239 27.35 3.82 -0.14
N ARG B 240 26.33 3.89 -0.99
CA ARG B 240 26.02 5.11 -1.73
C ARG B 240 25.55 6.22 -0.82
N LEU B 241 24.81 5.87 0.23
CA LEU B 241 24.36 6.86 1.18
C LEU B 241 25.57 7.40 1.94
N GLU B 242 26.48 6.50 2.32
CA GLU B 242 27.70 6.88 3.05
C GLU B 242 28.51 7.84 2.23
N ARG B 243 28.78 7.47 0.98
CA ARG B 243 29.56 8.33 0.10
C ARG B 243 28.86 9.67 -0.10
N LEU B 244 27.52 9.67 -0.14
CA LEU B 244 26.80 10.95 -0.23
C LEU B 244 27.03 11.79 1.02
N ALA B 245 26.90 11.18 2.21
CA ALA B 245 27.12 11.92 3.45
C ALA B 245 28.58 12.43 3.61
N LYS B 246 29.55 11.58 3.28
CA LYS B 246 30.96 12.00 3.35
C LYS B 246 31.20 13.22 2.48
N GLY B 247 30.58 13.24 1.30
CA GLY B 247 30.70 14.38 0.40
C GLY B 247 30.22 15.69 1.01
N PHE B 248 29.11 15.66 1.72
CA PHE B 248 28.52 16.88 2.26
C PHE B 248 29.04 17.28 3.63
N PHE B 249 29.66 16.34 4.35
CA PHE B 249 30.28 16.68 5.62
C PHE B 249 31.70 16.17 5.68
N PRO B 250 32.62 16.82 4.95
CA PRO B 250 33.99 16.31 4.85
C PRO B 250 34.80 16.43 6.14
N GLY B 251 34.56 17.47 6.94
CA GLY B 251 35.24 17.57 8.23
C GLY B 251 34.82 16.45 9.18
N SER B 252 33.53 16.14 9.18
CA SER B 252 32.97 15.08 10.03
C SER B 252 33.52 13.74 9.59
N ALA B 253 33.64 13.57 8.27
CA ALA B 253 34.28 12.40 7.66
C ALA B 253 35.72 12.26 8.12
N GLN B 254 36.44 13.37 8.20
CA GLN B 254 37.85 13.32 8.59
C GLN B 254 37.99 12.86 10.05
N SER B 255 37.17 13.38 10.95
CA SER B 255 37.36 13.10 12.37
C SER B 255 36.81 11.76 12.82
N CYS B 256 36.00 11.09 11.98
CA CYS B 256 35.41 9.81 12.40
C CYS B 256 35.10 8.88 11.23
N GLU B 257 35.35 7.59 11.45
CA GLU B 257 35.25 6.59 10.39
C GLU B 257 33.81 6.20 10.10
N ALA B 258 32.92 6.55 11.03
CA ALA B 258 31.51 6.22 10.90
C ALA B 258 30.67 7.30 11.59
N PHE B 259 30.69 8.51 11.07
CA PHE B 259 30.10 9.61 11.82
C PHE B 259 28.58 9.55 11.79
N LEU B 260 28.00 8.80 10.85
CA LEU B 260 26.53 8.63 10.85
C LEU B 260 26.06 7.94 12.12
N ARG B 261 26.96 7.20 12.76
CA ARG B 261 26.65 6.55 14.02
C ARG B 261 26.41 7.55 15.16
N HIS B 262 26.82 8.79 14.95
CA HIS B 262 26.48 9.86 15.89
C HIS B 262 24.99 10.20 15.88
N LYS B 263 24.28 9.76 14.83
CA LYS B 263 22.84 9.99 14.71
C LYS B 263 22.49 11.45 14.86
N MET B 264 23.23 12.30 14.14
CA MET B 264 22.97 13.72 14.08
C MET B 264 22.62 14.18 12.67
N THR B 265 22.64 13.26 11.70
CA THR B 265 22.57 13.68 10.29
C THR B 265 21.22 13.38 9.62
N LEU B 266 20.51 14.43 9.21
CA LEU B 266 19.19 14.30 8.57
C LEU B 266 19.32 14.66 7.12
N ILE B 267 18.72 13.83 6.27
CA ILE B 267 18.83 14.00 4.83
C ILE B 267 17.44 13.72 4.27
N SER B 268 16.89 14.73 3.63
CA SER B 268 15.57 14.69 3.04
C SER B 268 15.41 13.71 1.87
N PRO B 269 14.18 13.17 1.68
CA PRO B 269 13.87 12.25 0.60
C PRO B 269 14.04 12.90 -0.79
N LEU B 270 13.81 14.22 -0.87
CA LEU B 270 14.13 14.94 -2.11
C LEU B 270 15.61 14.91 -2.41
N MET B 271 16.47 15.05 -1.40
CA MET B 271 17.91 15.00 -1.67
C MET B 271 18.31 13.60 -2.11
N LEU B 272 17.79 12.57 -1.44
CA LEU B 272 18.07 11.19 -1.84
C LEU B 272 17.71 10.94 -3.31
N LYS B 273 16.57 11.49 -3.74
CA LYS B 273 16.08 11.29 -5.09
C LYS B 273 16.94 12.01 -6.12
N LYS B 274 17.27 13.26 -5.80
CA LYS B 274 18.20 14.07 -6.58
C LYS B 274 19.49 13.33 -6.91
N TYR B 275 20.04 12.64 -5.93
CA TYR B 275 21.38 12.05 -6.13
C TYR B 275 21.26 10.58 -6.51
N GLY B 276 20.05 10.12 -6.79
CA GLY B 276 19.86 8.76 -7.25
C GLY B 276 20.03 7.66 -6.21
N ILE B 277 20.01 7.97 -4.92
CA ILE B 277 20.01 6.91 -3.90
C ILE B 277 18.61 6.30 -3.77
N PRO B 278 18.48 5.00 -4.09
CA PRO B 278 17.19 4.30 -3.91
C PRO B 278 16.72 4.31 -2.46
N PHE B 279 15.41 4.51 -2.22
CA PHE B 279 14.86 4.41 -0.86
C PHE B 279 13.36 4.05 -0.88
N ASP B 280 12.81 3.74 0.28
CA ASP B 280 11.38 3.50 0.36
C ASP B 280 10.89 4.15 1.63
N LYS B 281 9.60 4.42 1.76
CA LYS B 281 9.08 4.91 3.03
C LYS B 281 7.83 4.16 3.45
N VAL B 282 7.54 4.21 4.74
CA VAL B 282 6.43 3.43 5.27
C VAL B 282 6.01 4.04 6.58
N THR B 283 4.72 3.96 6.89
CA THR B 283 4.25 4.50 8.14
C THR B 283 3.84 3.38 9.08
N GLN B 284 4.39 3.39 10.28
CA GLN B 284 4.11 2.39 11.29
C GLN B 284 3.00 2.95 12.14
N GLU B 285 1.91 2.20 12.30
CA GLU B 285 0.84 2.64 13.17
C GLU B 285 0.82 1.84 14.48
N ALA B 286 0.05 2.33 15.45
CA ALA B 286 0.00 1.74 16.77
C ALA B 286 -0.37 0.27 16.70
N GLY B 287 0.44 -0.60 17.31
CA GLY B 287 0.11 -2.00 17.37
C GLY B 287 0.88 -2.79 16.33
N GLU B 288 1.88 -2.15 15.73
CA GLU B 288 2.62 -2.77 14.64
C GLU B 288 4.08 -2.81 14.97
N PHE B 289 4.73 -3.85 14.45
CA PHE B 289 6.17 -4.03 14.55
C PHE B 289 6.89 -3.54 13.30
N MET B 290 8.06 -2.94 13.49
CA MET B 290 8.99 -2.72 12.39
C MET B 290 10.29 -3.47 12.70
N ILE B 291 10.80 -4.19 11.71
CA ILE B 291 12.07 -4.88 11.81
C ILE B 291 13.11 -4.16 10.93
N THR B 292 14.31 -3.88 11.44
CA THR B 292 15.35 -3.42 10.53
C THR B 292 16.43 -4.50 10.42
N PHE B 293 17.04 -4.60 9.26
CA PHE B 293 18.00 -5.65 8.93
C PHE B 293 19.43 -5.13 8.93
N PRO B 294 20.43 -6.05 9.02
CA PRO B 294 21.83 -5.63 9.08
C PRO B 294 22.22 -4.74 7.91
N TYR B 295 22.84 -3.62 8.25
CA TYR B 295 23.32 -2.62 7.32
C TYR B 295 22.19 -1.92 6.61
N GLY B 296 21.00 -1.95 7.20
CA GLY B 296 19.90 -1.19 6.63
C GLY B 296 19.84 0.21 7.20
N TYR B 297 20.21 1.23 6.43
CA TYR B 297 20.07 2.61 6.90
C TYR B 297 18.61 3.04 7.02
N HIS B 298 18.29 3.70 8.12
CA HIS B 298 16.92 4.20 8.27
C HIS B 298 16.88 5.49 9.06
N ALA B 299 15.72 6.13 8.98
CA ALA B 299 15.48 7.43 9.56
C ALA B 299 13.98 7.66 9.57
N GLY B 300 13.52 8.69 10.27
CA GLY B 300 12.10 9.00 10.26
C GLY B 300 11.67 9.95 11.37
N PHE B 301 10.36 10.04 11.62
CA PHE B 301 9.84 11.02 12.56
C PHE B 301 8.46 10.58 13.13
N ASN B 302 8.12 11.10 14.30
CA ASN B 302 6.85 10.76 14.94
C ASN B 302 5.78 11.76 14.57
N HIS B 303 4.55 11.27 14.37
CA HIS B 303 3.44 12.16 13.98
C HIS B 303 2.88 12.96 15.13
N GLY B 304 2.95 12.41 16.34
CA GLY B 304 2.34 13.04 17.49
C GLY B 304 2.71 12.24 18.71
N PHE B 305 2.03 12.48 19.83
CA PHE B 305 2.41 11.81 21.08
C PHE B 305 2.30 10.30 20.90
N ASN B 306 3.34 9.57 21.28
CA ASN B 306 3.29 8.11 21.15
C ASN B 306 4.35 7.45 22.00
N CYS B 307 4.38 6.13 21.96
CA CYS B 307 5.37 5.39 22.72
C CYS B 307 5.77 4.11 22.02
N ALA B 308 7.07 3.88 21.92
CA ALA B 308 7.58 2.72 21.22
C ALA B 308 8.63 2.03 22.05
N GLU B 309 8.80 0.74 21.82
CA GLU B 309 9.75 -0.06 22.54
C GLU B 309 10.61 -0.82 21.54
N SER B 310 11.92 -0.85 21.78
CA SER B 310 12.83 -1.52 20.85
C SER B 310 14.03 -2.16 21.51
N THR B 311 14.64 -3.06 20.77
CA THR B 311 15.93 -3.65 21.13
C THR B 311 16.59 -4.23 19.88
N ASN B 312 17.82 -4.69 20.03
CA ASN B 312 18.52 -5.35 18.94
C ASN B 312 18.40 -6.86 19.09
N PHE B 313 18.77 -7.58 18.02
CA PHE B 313 18.75 -9.02 18.01
C PHE B 313 19.57 -9.49 16.83
N ALA B 314 19.86 -10.78 16.78
CA ALA B 314 20.72 -11.30 15.73
C ALA B 314 20.17 -12.59 15.15
N THR B 315 20.62 -12.91 13.94
CA THR B 315 20.49 -14.23 13.35
C THR B 315 21.91 -14.64 13.00
N ARG B 316 22.09 -15.81 12.41
CA ARG B 316 23.41 -16.28 12.02
C ARG B 316 24.00 -15.43 10.91
N ARG B 317 23.14 -14.94 10.02
CA ARG B 317 23.59 -14.08 8.94
C ARG B 317 24.24 -12.82 9.46
N TRP B 318 23.82 -12.37 10.64
CA TRP B 318 24.34 -11.11 11.16
C TRP B 318 25.84 -11.17 11.44
N ILE B 319 26.31 -12.36 11.81
CA ILE B 319 27.68 -12.54 12.30
C ILE B 319 28.71 -11.95 11.36
N GLU B 320 28.58 -12.21 10.07
CA GLU B 320 29.52 -11.67 9.10
C GLU B 320 29.52 -10.12 9.07
N TYR B 321 28.34 -9.52 9.16
CA TYR B 321 28.22 -8.06 9.25
C TYR B 321 28.93 -7.54 10.51
N GLY B 322 28.76 -8.25 11.61
CA GLY B 322 29.37 -7.89 12.87
C GLY B 322 30.87 -7.86 12.72
N LYS B 323 31.41 -8.89 12.07
CA LYS B 323 32.84 -8.96 11.80
C LYS B 323 33.36 -7.79 10.95
N GLN B 324 32.51 -7.25 10.06
CA GLN B 324 32.98 -6.22 9.14
C GLN B 324 32.53 -4.80 9.51
N ALA B 325 31.80 -4.65 10.60
CA ALA B 325 31.16 -3.37 10.90
C ALA B 325 32.19 -2.28 11.20
N VAL B 326 32.03 -1.11 10.58
CA VAL B 326 32.91 0.03 10.84
C VAL B 326 32.30 0.84 11.99
N LEU B 327 33.06 1.01 13.07
CA LEU B 327 32.50 1.65 14.27
C LEU B 327 32.98 3.08 14.42
N CYS B 328 32.27 3.83 15.26
CA CYS B 328 32.66 5.19 15.62
C CYS B 328 34.08 5.19 16.21
N SER B 329 34.95 5.99 15.62
CA SER B 329 36.34 6.05 16.04
C SER B 329 36.71 7.31 16.82
N CYS B 330 35.73 8.12 17.20
CA CYS B 330 36.05 9.40 17.85
C CYS B 330 35.58 9.45 19.29
N ARG B 331 34.77 8.47 19.70
CA ARG B 331 34.29 8.37 21.07
C ARG B 331 34.71 7.04 21.70
N LYS B 332 34.86 7.03 23.02
CA LYS B 332 35.32 5.84 23.74
C LYS B 332 34.16 5.06 24.37
N ASP B 333 33.11 5.77 24.71
CA ASP B 333 31.93 5.17 25.32
C ASP B 333 31.19 4.18 24.42
N MET B 334 31.23 4.41 23.11
CA MET B 334 30.33 3.76 22.15
C MET B 334 30.33 2.23 22.17
N VAL B 335 29.29 1.66 21.57
CA VAL B 335 29.03 0.24 21.65
C VAL B 335 29.93 -0.61 20.73
N LYS B 336 30.55 -1.60 21.34
CA LYS B 336 31.45 -2.52 20.67
C LYS B 336 31.25 -3.91 21.26
N ILE B 337 31.01 -4.88 20.39
CA ILE B 337 30.79 -6.26 20.80
C ILE B 337 31.91 -7.12 20.26
N SER B 338 32.63 -7.80 21.15
CA SER B 338 33.68 -8.73 20.73
C SER B 338 33.05 -9.85 19.92
N MET B 339 33.45 -9.99 18.67
CA MET B 339 32.86 -11.01 17.79
C MET B 339 33.41 -12.41 18.07
N ASP B 340 34.48 -12.46 18.86
CA ASP B 340 35.22 -13.70 19.11
C ASP B 340 34.34 -14.90 19.46
N VAL B 341 33.52 -14.76 20.51
CA VAL B 341 32.62 -15.83 20.90
C VAL B 341 31.66 -16.29 19.77
N PHE B 342 31.28 -15.37 18.88
CA PHE B 342 30.35 -15.74 17.80
C PHE B 342 31.03 -16.58 16.75
N VAL B 343 32.22 -16.14 16.33
CA VAL B 343 32.99 -16.89 15.35
C VAL B 343 33.32 -18.28 15.89
N ARG B 344 33.75 -18.34 17.14
CA ARG B 344 34.15 -19.61 17.75
C ARG B 344 33.04 -20.65 17.72
N LYS B 345 31.82 -20.24 18.04
CA LYS B 345 30.74 -21.21 18.15
C LYS B 345 29.98 -21.48 16.84
N PHE B 346 29.82 -20.49 15.98
CA PHE B 346 29.02 -20.67 14.75
C PHE B 346 29.84 -20.78 13.48
N GLN B 347 31.07 -20.26 13.53
CA GLN B 347 32.00 -20.39 12.41
C GLN B 347 33.36 -20.96 12.84
N PRO B 348 33.38 -22.16 13.45
CA PRO B 348 34.64 -22.67 14.02
C PRO B 348 35.69 -23.01 12.97
N GLU B 349 35.27 -23.35 11.75
CA GLU B 349 36.20 -23.71 10.68
C GLU B 349 36.92 -22.49 10.15
N ARG B 350 36.40 -21.30 10.47
CA ARG B 350 36.99 -20.06 9.96
C ARG B 350 37.77 -19.28 11.02
N TYR B 351 37.70 -19.72 12.27
CA TYR B 351 38.21 -18.95 13.40
C TYR B 351 39.72 -18.69 13.36
N LYS B 352 40.48 -19.72 13.02
CA LYS B 352 41.93 -19.57 12.83
C LYS B 352 42.25 -18.53 11.76
N LEU B 353 41.59 -18.63 10.61
CA LEU B 353 41.86 -17.74 9.48
C LEU B 353 41.52 -16.29 9.84
N TRP B 354 40.39 -16.12 10.50
CA TRP B 354 39.91 -14.81 10.92
C TRP B 354 40.85 -14.18 11.94
N LYS B 355 41.25 -14.95 12.97
CA LYS B 355 42.16 -14.46 14.01
C LYS B 355 43.49 -14.03 13.41
N ALA B 356 43.81 -14.57 12.24
CA ALA B 356 45.03 -14.24 11.53
C ALA B 356 44.90 -12.90 10.78
N GLY B 357 43.66 -12.48 10.54
CA GLY B 357 43.41 -11.27 9.80
C GLY B 357 43.37 -11.55 8.32
N LYS B 358 43.02 -12.78 7.96
CA LYS B 358 43.04 -13.19 6.56
C LYS B 358 41.71 -13.76 6.08
N ASP B 359 40.64 -13.50 6.83
CA ASP B 359 39.30 -13.85 6.37
C ASP B 359 38.77 -12.73 5.50
N ASN B 360 38.50 -13.03 4.23
CA ASN B 360 38.01 -12.02 3.29
C ASN B 360 36.68 -12.40 2.65
N THR B 361 35.76 -12.89 3.47
CA THR B 361 34.39 -13.12 3.04
C THR B 361 33.77 -11.84 2.49
N VAL B 362 33.26 -11.89 1.26
CA VAL B 362 32.55 -10.74 0.72
C VAL B 362 31.07 -10.95 0.96
N ILE B 363 30.44 -9.96 1.60
CA ILE B 363 29.03 -10.07 1.94
C ILE B 363 28.13 -9.87 0.74
N ASP B 364 27.13 -10.74 0.61
CA ASP B 364 26.08 -10.66 -0.40
C ASP B 364 24.76 -10.31 0.29
N HIS B 365 24.30 -9.08 0.12
CA HIS B 365 23.15 -8.58 0.87
C HIS B 365 21.83 -9.20 0.47
N THR B 366 21.79 -9.91 -0.67
CA THR B 366 20.53 -10.51 -1.13
C THR B 366 20.30 -11.86 -0.47
N LEU B 367 21.35 -12.48 0.06
CA LEU B 367 21.25 -13.84 0.60
C LEU B 367 20.52 -13.86 1.94
N PRO B 368 19.45 -14.66 2.02
CA PRO B 368 18.69 -14.82 3.28
C PRO B 368 19.53 -15.54 4.35
N THR B 369 19.11 -15.43 5.60
CA THR B 369 19.82 -16.11 6.68
C THR B 369 19.74 -17.62 6.42
N PRO B 370 20.73 -18.39 6.94
CA PRO B 370 20.77 -19.86 6.83
C PRO B 370 19.51 -20.58 7.29
N GLU B 371 18.95 -20.16 8.43
CA GLU B 371 17.79 -20.81 9.02
C GLU B 371 16.56 -20.79 8.10
N ALA B 372 16.69 -20.13 6.95
CA ALA B 372 15.57 -19.95 6.03
C ALA B 372 15.55 -21.07 5.00
N ALA B 373 16.53 -21.96 5.11
CA ALA B 373 16.63 -23.11 4.20
C ALA B 373 15.31 -23.89 4.12
N GLU B 374 14.70 -24.13 5.28
CA GLU B 374 13.48 -24.91 5.42
C GLU B 374 12.26 -24.38 4.65
N PHE B 375 12.39 -23.23 4.00
CA PHE B 375 11.29 -22.65 3.23
C PHE B 375 11.62 -22.62 1.73
#